data_3ISL
#
_entry.id   3ISL
#
_cell.length_a   102.400
_cell.length_b   95.990
_cell.length_c   101.290
_cell.angle_alpha   90.00
_cell.angle_beta   114.23
_cell.angle_gamma   90.00
#
_symmetry.space_group_name_H-M   'C 1 2 1'
#
loop_
_entity.id
_entity.type
_entity.pdbx_description
1 polymer 'Purine catabolism protein pucG'
2 non-polymer "PYRIDOXAL-5'-PHOSPHATE"
3 water water
#
_entity_poly.entity_id   1
_entity_poly.type   'polypeptide(L)'
_entity_poly.pdbx_seq_one_letter_code
;MSGRRELCTPLRTIMTPGPVEVDPRVLRVMSTPVVGQFDPAFTGIMNETMEMLRELFQTKNRWAYPIDGTSRAGIEAVLA
SVIEPEDDVLIPIYGRFGYLLTEIAERYGANVHMLECEWGTVFDPEDIIREIKKVKPKIVAMVHGETSTGRIHPLKAIGE
ACRTEDALFIVDAVATIGGCEVKVDEWKIDAAIGGTQKCLSVPSGMAPITYNERVADVIAARKKVERGIATQADRAALSG
NRPITSNYFDLSQLEDYWSERRLNHHTEATTMLYALREGVRLVLEEGLETRFERHRHHEAALAAGIKAMGLRLFGDDSCK
MPVVTCVEIPGGIDGESVRDMLLAQFGIEIASSFGPLAGKIWRIGTMGYSCRKENVLFVLAGLEAVLLRHNAGIEAGKAL
QAALDVYENAGRQAAV
;
_entity_poly.pdbx_strand_id   A,B
#
loop_
_chem_comp.id
_chem_comp.type
_chem_comp.name
_chem_comp.formula
PLP non-polymer PYRIDOXAL-5'-PHOSPHATE 'C8 H10 N O6 P'
#
# COMPACT_ATOMS: atom_id res chain seq x y z
N ARG A 5 -21.95 -15.76 -3.29
CA ARG A 5 -20.85 -15.15 -4.06
C ARG A 5 -20.00 -14.21 -3.13
N GLU A 6 -20.47 -13.94 -1.88
CA GLU A 6 -19.63 -13.40 -0.78
C GLU A 6 -18.33 -14.20 -0.60
N LEU A 7 -17.29 -13.54 -0.11
CA LEU A 7 -15.99 -14.18 0.06
C LEU A 7 -16.14 -15.39 0.97
N CYS A 8 -15.48 -16.47 0.58
CA CYS A 8 -15.39 -17.68 1.42
C CYS A 8 -13.97 -18.21 1.31
N THR A 9 -13.36 -18.43 2.46
CA THR A 9 -11.96 -18.69 2.52
C THR A 9 -11.72 -19.72 3.68
N PRO A 10 -10.79 -20.72 3.50
CA PRO A 10 -10.54 -21.69 4.56
C PRO A 10 -9.82 -21.03 5.72
N LEU A 11 -9.90 -21.63 6.92
CA LEU A 11 -9.08 -21.12 8.00
C LEU A 11 -7.77 -21.88 8.04
N ARG A 12 -6.67 -21.19 7.73
CA ARG A 12 -5.34 -21.88 7.62
C ARG A 12 -4.64 -21.84 8.94
N THR A 13 -3.68 -22.74 9.05
CA THR A 13 -2.69 -22.69 10.12
C THR A 13 -1.44 -22.23 9.45
N ILE A 14 -1.01 -21.00 9.70
CA ILE A 14 0.08 -20.46 8.89
C ILE A 14 1.41 -20.49 9.60
N MET A 15 2.31 -21.29 9.04
CA MET A 15 3.60 -21.50 9.64
C MET A 15 4.72 -21.25 8.61
N THR A 16 4.55 -20.23 7.78
CA THR A 16 5.59 -19.78 6.85
C THR A 16 6.32 -18.61 7.52
N PRO A 17 7.39 -18.09 6.89
CA PRO A 17 7.99 -16.82 7.31
C PRO A 17 7.26 -15.54 6.84
N GLY A 18 5.98 -15.63 6.47
CA GLY A 18 5.16 -14.48 6.14
C GLY A 18 4.52 -14.66 4.79
N PRO A 19 3.30 -14.11 4.63
CA PRO A 19 2.56 -13.44 5.69
C PRO A 19 1.93 -14.47 6.67
N VAL A 20 1.93 -14.12 7.98
CA VAL A 20 1.43 -14.99 8.99
C VAL A 20 0.03 -14.62 9.52
N GLU A 21 -0.48 -15.35 10.48
CA GLU A 21 -1.85 -15.13 10.96
C GLU A 21 -1.87 -13.82 11.72
N VAL A 22 -3.00 -13.14 11.68
CA VAL A 22 -3.22 -11.87 12.38
C VAL A 22 -3.93 -12.09 13.70
N ASP A 23 -3.47 -11.43 14.78
CA ASP A 23 -4.24 -11.53 16.04
C ASP A 23 -5.72 -11.14 15.79
N PRO A 24 -6.68 -11.89 16.36
CA PRO A 24 -8.07 -11.59 16.28
C PRO A 24 -8.42 -10.20 16.76
N ARG A 25 -7.67 -9.67 17.74
CA ARG A 25 -7.91 -8.28 18.14
C ARG A 25 -7.59 -7.27 17.01
N VAL A 26 -6.60 -7.59 16.18
CA VAL A 26 -6.28 -6.76 15.00
C VAL A 26 -7.32 -6.99 13.93
N LEU A 27 -7.61 -8.26 13.60
CA LEU A 27 -8.72 -8.50 12.68
C LEU A 27 -10.04 -7.76 12.99
N ARG A 28 -10.57 -7.87 14.22
CA ARG A 28 -11.90 -7.30 14.53
C ARG A 28 -11.83 -5.80 14.33
N VAL A 29 -10.68 -5.15 14.54
CA VAL A 29 -10.68 -3.69 14.41
C VAL A 29 -10.80 -3.18 12.94
N MET A 30 -10.66 -4.09 11.97
CA MET A 30 -10.60 -3.64 10.55
C MET A 30 -12.03 -3.47 9.98
N SER A 31 -13.02 -3.88 10.77
CA SER A 31 -14.41 -3.63 10.46
C SER A 31 -14.86 -2.23 10.99
N THR A 32 -13.97 -1.44 11.58
CA THR A 32 -14.35 -0.09 12.10
C THR A 32 -14.59 0.90 10.93
N PRO A 33 -15.67 1.71 10.99
CA PRO A 33 -15.86 2.71 9.90
C PRO A 33 -14.67 3.70 9.82
N VAL A 34 -14.30 4.03 8.61
CA VAL A 34 -13.15 4.87 8.33
C VAL A 34 -13.45 6.33 8.70
N VAL A 35 -12.40 7.09 9.01
CA VAL A 35 -12.43 8.54 9.15
C VAL A 35 -11.41 9.05 8.12
N GLY A 36 -11.40 10.36 7.79
CA GLY A 36 -10.48 10.91 6.74
C GLY A 36 -9.13 11.31 7.23
N GLN A 37 -8.18 11.64 6.32
CA GLN A 37 -6.75 11.85 6.67
C GLN A 37 -6.68 13.10 7.46
N PHE A 38 -7.55 14.06 7.18
CA PHE A 38 -7.48 15.34 7.87
C PHE A 38 -8.50 15.49 9.01
N ASP A 39 -9.03 14.39 9.46
CA ASP A 39 -9.97 14.44 10.58
C ASP A 39 -9.09 14.28 11.84
N PRO A 40 -9.30 15.13 12.86
CA PRO A 40 -8.52 15.07 14.15
C PRO A 40 -8.51 13.67 14.74
N ALA A 41 -9.58 12.91 14.53
CA ALA A 41 -9.52 11.51 15.00
C ALA A 41 -8.37 10.77 14.31
N PHE A 42 -8.11 11.10 13.02
CA PHE A 42 -7.08 10.35 12.30
C PHE A 42 -5.69 10.91 12.67
N THR A 43 -5.57 12.20 12.79
CA THR A 43 -4.28 12.77 13.19
C THR A 43 -3.87 12.28 14.59
N GLY A 44 -4.85 12.04 15.46
CA GLY A 44 -4.60 11.48 16.80
C GLY A 44 -4.06 10.05 16.71
N ILE A 45 -4.69 9.22 15.87
CA ILE A 45 -4.16 7.88 15.61
C ILE A 45 -2.79 8.01 15.00
N MET A 46 -2.58 8.96 14.04
CA MET A 46 -1.22 9.10 13.47
C MET A 46 -0.16 9.31 14.58
N ASN A 47 -0.44 10.27 15.44
CA ASN A 47 0.53 10.70 16.41
C ASN A 47 0.88 9.63 17.43
N GLU A 48 -0.12 8.89 17.87
CA GLU A 48 0.16 7.81 18.81
C GLU A 48 0.87 6.65 18.13
N THR A 49 0.56 6.45 16.86
CA THR A 49 1.25 5.35 16.15
C THR A 49 2.77 5.66 16.08
N MET A 50 3.13 6.91 15.79
CA MET A 50 4.52 7.33 15.71
C MET A 50 5.24 7.14 17.06
N GLU A 51 4.62 7.53 18.20
CA GLU A 51 5.20 7.24 19.50
C GLU A 51 5.45 5.74 19.71
N MET A 52 4.50 4.93 19.31
CA MET A 52 4.61 3.49 19.57
C MET A 52 5.71 2.90 18.69
N LEU A 53 5.83 3.43 17.47
CA LEU A 53 6.91 2.98 16.57
C LEU A 53 8.29 3.36 17.13
N ARG A 54 8.38 4.50 17.81
CA ARG A 54 9.65 4.84 18.52
C ARG A 54 10.04 3.74 19.49
N GLU A 55 9.07 3.22 20.26
CA GLU A 55 9.32 2.18 21.25
C GLU A 55 9.65 0.84 20.60
N LEU A 56 8.92 0.51 19.54
CA LEU A 56 9.04 -0.74 18.85
C LEU A 56 10.45 -0.82 18.33
N PHE A 57 10.95 0.28 17.74
CA PHE A 57 12.31 0.28 17.15
C PHE A 57 13.44 0.54 18.14
N GLN A 58 13.07 0.79 19.40
CA GLN A 58 13.97 1.17 20.48
C GLN A 58 14.78 2.35 20.07
N THR A 59 14.03 3.46 19.78
CA THR A 59 14.69 4.69 19.34
C THR A 59 14.02 5.97 19.85
N LYS A 60 14.83 7.02 19.95
CA LYS A 60 14.31 8.33 20.25
C LYS A 60 14.03 9.16 19.01
N ASN A 61 14.27 8.60 17.83
CA ASN A 61 14.19 9.37 16.57
C ASN A 61 12.84 10.10 16.47
N ARG A 62 12.88 11.37 16.09
CA ARG A 62 11.68 12.12 15.70
C ARG A 62 10.96 11.40 14.57
N TRP A 63 11.73 10.82 13.64
CA TRP A 63 11.12 10.24 12.44
C TRP A 63 10.85 8.70 12.61
N ALA A 64 9.57 8.35 12.83
CA ALA A 64 9.12 6.96 12.87
C ALA A 64 7.64 6.93 12.51
N TYR A 65 7.31 6.35 11.36
CA TYR A 65 5.99 6.50 10.74
C TYR A 65 5.91 5.51 9.64
N PRO A 66 4.71 5.05 9.28
CA PRO A 66 4.65 4.04 8.22
C PRO A 66 4.58 4.68 6.79
N ILE A 67 5.01 3.95 5.79
CA ILE A 67 4.70 4.38 4.45
C ILE A 67 3.72 3.33 3.87
N ASP A 68 2.99 3.71 2.84
CA ASP A 68 1.85 2.89 2.43
C ASP A 68 2.45 2.10 1.29
N GLY A 69 2.67 0.83 1.48
CA GLY A 69 3.33 0.05 0.44
C GLY A 69 3.72 -1.16 1.19
N THR A 70 4.03 -2.23 0.48
CA THR A 70 4.64 -3.35 1.17
C THR A 70 6.01 -2.94 1.78
N SER A 71 6.60 -3.87 2.53
CA SER A 71 7.83 -3.61 3.21
C SER A 71 8.90 -3.06 2.26
N ARG A 72 8.95 -3.64 1.07
CA ARG A 72 10.01 -3.29 0.13
C ARG A 72 9.77 -1.97 -0.62
N ALA A 73 8.54 -1.46 -0.56
CA ALA A 73 8.29 -0.06 -0.94
C ALA A 73 8.87 0.83 0.17
N GLY A 74 8.77 0.39 1.42
CA GLY A 74 9.39 1.11 2.51
C GLY A 74 10.89 1.18 2.32
N ILE A 75 11.49 0.04 1.99
CA ILE A 75 12.92 -0.03 1.76
C ILE A 75 13.32 0.88 0.58
N GLU A 76 12.58 0.80 -0.52
CA GLU A 76 12.81 1.62 -1.68
C GLU A 76 12.70 3.14 -1.38
N ALA A 77 11.68 3.54 -0.61
CA ALA A 77 11.50 4.96 -0.29
C ALA A 77 12.73 5.48 0.51
N VAL A 78 13.19 4.70 1.51
CA VAL A 78 14.37 5.12 2.23
C VAL A 78 15.55 5.20 1.23
N LEU A 79 15.83 4.13 0.48
CA LEU A 79 17.02 4.16 -0.39
C LEU A 79 16.92 5.23 -1.50
N ALA A 80 15.75 5.39 -2.09
CA ALA A 80 15.49 6.46 -3.07
C ALA A 80 15.82 7.84 -2.50
N SER A 81 15.51 8.06 -1.24
CA SER A 81 15.57 9.41 -0.71
C SER A 81 17.02 9.78 -0.35
N VAL A 82 17.88 8.78 -0.20
CA VAL A 82 19.22 8.96 0.29
C VAL A 82 20.33 8.69 -0.78
N ILE A 83 19.94 8.27 -1.99
CA ILE A 83 20.85 7.91 -3.06
C ILE A 83 20.75 8.84 -4.21
N GLU A 84 21.86 9.50 -4.54
CA GLU A 84 21.99 10.25 -5.80
C GLU A 84 22.88 9.43 -6.75
N PRO A 85 22.67 9.55 -8.08
CA PRO A 85 23.53 8.78 -8.97
C PRO A 85 25.00 8.91 -8.57
N GLU A 86 25.75 7.81 -8.70
CA GLU A 86 27.19 7.73 -8.34
C GLU A 86 27.56 7.69 -6.83
N ASP A 87 26.60 7.91 -5.93
CA ASP A 87 26.91 7.54 -4.52
C ASP A 87 27.41 6.07 -4.40
N ASP A 88 28.44 5.88 -3.58
CA ASP A 88 28.92 4.55 -3.28
C ASP A 88 28.03 3.90 -2.19
N VAL A 89 27.63 2.64 -2.41
CA VAL A 89 26.75 1.93 -1.50
C VAL A 89 27.31 0.52 -1.32
N LEU A 90 27.64 0.19 -0.08
CA LEU A 90 28.20 -1.10 0.27
C LEU A 90 27.04 -2.00 0.74
N ILE A 91 26.91 -3.16 0.16
CA ILE A 91 25.83 -4.05 0.54
C ILE A 91 26.43 -5.43 0.80
N PRO A 92 26.54 -5.82 2.06
CA PRO A 92 27.00 -7.18 2.31
C PRO A 92 25.77 -8.10 2.21
N ILE A 93 25.84 -9.08 1.33
CA ILE A 93 24.74 -9.95 0.97
C ILE A 93 24.95 -11.39 1.43
N TYR A 94 24.04 -11.90 2.25
CA TYR A 94 24.19 -13.30 2.70
C TYR A 94 22.89 -14.10 2.44
N GLY A 95 21.97 -13.47 1.70
CA GLY A 95 20.78 -14.19 1.26
C GLY A 95 19.99 -13.42 0.23
N ARG A 96 18.78 -13.89 -0.06
CA ARG A 96 18.01 -13.36 -1.18
C ARG A 96 17.68 -11.89 -1.04
N PHE A 97 17.35 -11.43 0.16
CA PHE A 97 16.92 -10.02 0.30
C PHE A 97 18.10 -9.02 0.18
N GLY A 98 19.33 -9.46 0.43
CA GLY A 98 20.53 -8.66 0.06
C GLY A 98 20.54 -8.21 -1.42
N TYR A 99 20.15 -9.11 -2.32
CA TYR A 99 20.03 -8.80 -3.76
C TYR A 99 18.88 -7.84 -4.11
N LEU A 100 17.81 -7.83 -3.32
CA LEU A 100 16.83 -6.80 -3.54
C LEU A 100 17.41 -5.42 -3.20
N LEU A 101 18.17 -5.32 -2.11
CA LEU A 101 18.79 -4.04 -1.79
C LEU A 101 19.68 -3.59 -2.95
N THR A 102 20.44 -4.52 -3.58
CA THR A 102 21.35 -4.09 -4.63
C THR A 102 20.57 -3.63 -5.87
N GLU A 103 19.51 -4.37 -6.19
CA GLU A 103 18.58 -3.96 -7.26
C GLU A 103 18.08 -2.53 -7.14
N ILE A 104 17.51 -2.22 -5.99
CA ILE A 104 16.98 -0.90 -5.68
C ILE A 104 18.06 0.17 -5.77
N ALA A 105 19.20 -0.04 -5.09
CA ALA A 105 20.27 0.92 -5.13
C ALA A 105 20.77 1.18 -6.54
N GLU A 106 20.93 0.12 -7.34
CA GLU A 106 21.45 0.29 -8.72
C GLU A 106 20.50 1.07 -9.59
N ARG A 107 19.23 0.71 -9.47
CA ARG A 107 18.15 1.40 -10.14
C ARG A 107 18.13 2.90 -9.81
N TYR A 108 18.53 3.29 -8.60
CA TYR A 108 18.63 4.74 -8.30
C TYR A 108 19.98 5.37 -8.68
N GLY A 109 20.80 4.63 -9.40
CA GLY A 109 22.06 5.22 -9.94
C GLY A 109 23.30 5.08 -9.04
N ALA A 110 23.16 4.35 -7.93
CA ALA A 110 24.31 4.09 -7.05
C ALA A 110 25.37 3.23 -7.71
N ASN A 111 26.63 3.50 -7.40
CA ASN A 111 27.69 2.54 -7.64
C ASN A 111 27.65 1.52 -6.47
N VAL A 112 27.17 0.31 -6.74
CA VAL A 112 27.06 -0.72 -5.71
C VAL A 112 28.36 -1.51 -5.51
N HIS A 113 28.84 -1.58 -4.27
CA HIS A 113 29.94 -2.52 -3.89
C HIS A 113 29.29 -3.67 -3.10
N MET A 114 29.27 -4.87 -3.67
CA MET A 114 28.71 -5.98 -2.91
C MET A 114 29.77 -6.89 -2.33
N LEU A 115 29.53 -7.39 -1.13
CA LEU A 115 30.26 -8.51 -0.61
C LEU A 115 29.26 -9.66 -0.59
N GLU A 116 29.70 -10.88 -0.82
CA GLU A 116 28.76 -12.01 -0.80
C GLU A 116 29.38 -13.19 -0.06
N CYS A 117 28.62 -13.78 0.85
CA CYS A 117 29.07 -15.02 1.46
C CYS A 117 28.10 -16.18 1.23
N GLU A 118 28.55 -17.37 1.65
CA GLU A 118 27.77 -18.56 1.48
C GLU A 118 26.40 -18.51 2.16
N TRP A 119 25.37 -18.90 1.42
CA TRP A 119 24.04 -18.98 1.97
C TRP A 119 24.03 -20.03 3.08
N GLY A 120 23.57 -19.59 4.25
CA GLY A 120 23.52 -20.42 5.45
C GLY A 120 24.56 -19.96 6.47
N THR A 121 25.44 -19.04 6.07
CA THR A 121 26.42 -18.48 7.00
C THR A 121 26.20 -16.95 7.03
N VAL A 122 26.99 -16.24 7.84
CA VAL A 122 27.00 -14.76 7.87
C VAL A 122 28.46 -14.27 7.78
N PHE A 123 28.68 -12.97 7.59
CA PHE A 123 30.02 -12.35 7.65
C PHE A 123 30.60 -12.24 9.07
N ASP A 124 31.92 -12.34 9.18
CA ASP A 124 32.60 -11.81 10.36
C ASP A 124 32.48 -10.30 10.22
N PRO A 125 31.93 -9.56 11.24
CA PRO A 125 31.80 -8.11 11.08
C PRO A 125 33.12 -7.40 10.79
N GLU A 126 34.24 -7.95 11.23
CA GLU A 126 35.56 -7.38 10.92
C GLU A 126 35.84 -7.30 9.42
N ASP A 127 35.42 -8.32 8.65
CA ASP A 127 35.49 -8.19 7.14
C ASP A 127 34.64 -7.07 6.57
N ILE A 128 33.43 -6.90 7.08
CA ILE A 128 32.58 -5.79 6.62
C ILE A 128 33.21 -4.40 6.95
N ILE A 129 33.59 -4.26 8.22
CA ILE A 129 34.18 -3.01 8.74
C ILE A 129 35.46 -2.66 7.91
N ARG A 130 36.28 -3.66 7.59
CA ARG A 130 37.41 -3.41 6.66
C ARG A 130 36.98 -2.84 5.25
N GLU A 131 35.88 -3.36 4.67
CA GLU A 131 35.36 -2.80 3.40
C GLU A 131 34.79 -1.44 3.55
N ILE A 132 34.14 -1.18 4.66
CA ILE A 132 33.69 0.15 4.97
C ILE A 132 34.88 1.11 4.92
N LYS A 133 35.99 0.76 5.59
CA LYS A 133 37.10 1.69 5.69
C LYS A 133 37.75 1.91 4.32
N LYS A 134 37.74 0.88 3.52
CA LYS A 134 38.32 0.87 2.24
C LYS A 134 37.44 1.61 1.21
N VAL A 135 36.15 1.33 1.19
CA VAL A 135 35.31 1.88 0.14
C VAL A 135 34.85 3.32 0.50
N LYS A 136 34.70 3.57 1.81
CA LYS A 136 34.19 4.85 2.29
C LYS A 136 32.87 5.16 1.64
N PRO A 137 31.87 4.28 1.85
CA PRO A 137 30.60 4.49 1.15
C PRO A 137 29.77 5.60 1.82
N LYS A 138 28.95 6.29 1.04
CA LYS A 138 27.94 7.15 1.67
C LYS A 138 26.97 6.27 2.51
N ILE A 139 26.71 5.07 2.02
CA ILE A 139 25.65 4.25 2.58
C ILE A 139 26.10 2.78 2.71
N VAL A 140 25.78 2.19 3.87
CA VAL A 140 25.80 0.75 3.94
C VAL A 140 24.44 0.21 4.24
N ALA A 141 24.00 -0.69 3.34
CA ALA A 141 22.64 -1.21 3.36
C ALA A 141 22.74 -2.67 3.65
N MET A 142 21.95 -3.15 4.59
CA MET A 142 22.04 -4.54 4.96
C MET A 142 20.73 -5.15 5.52
N VAL A 143 20.54 -6.46 5.32
CA VAL A 143 19.38 -7.19 5.85
C VAL A 143 19.75 -7.65 7.30
N HIS A 144 18.89 -7.38 8.27
CA HIS A 144 19.08 -7.94 9.65
C HIS A 144 18.92 -9.44 9.70
N GLY A 145 17.76 -9.92 9.24
CA GLY A 145 17.47 -11.36 9.27
C GLY A 145 17.04 -11.79 7.85
N GLU A 146 17.76 -12.74 7.25
CA GLU A 146 17.37 -13.27 5.89
C GLU A 146 16.52 -14.49 6.09
N THR A 147 15.24 -14.41 5.73
CA THR A 147 14.36 -15.51 5.89
C THR A 147 14.70 -16.52 4.84
N SER A 148 15.30 -16.09 3.73
CA SER A 148 15.63 -17.00 2.64
C SER A 148 16.62 -18.06 3.13
N THR A 149 17.50 -17.69 4.04
CA THR A 149 18.55 -18.60 4.51
C THR A 149 18.38 -18.96 6.00
N GLY A 150 17.51 -18.25 6.69
CA GLY A 150 17.31 -18.43 8.14
C GLY A 150 18.40 -17.89 9.05
N ARG A 151 19.25 -16.99 8.56
CA ARG A 151 20.35 -16.45 9.36
C ARG A 151 20.03 -15.05 9.76
N ILE A 152 20.40 -14.73 11.00
CA ILE A 152 20.35 -13.40 11.54
C ILE A 152 21.79 -12.92 11.72
N HIS A 153 22.01 -11.69 11.31
CA HIS A 153 23.37 -11.04 11.29
C HIS A 153 23.58 -10.05 12.46
N PRO A 154 24.71 -10.15 13.23
CA PRO A 154 25.07 -9.13 14.22
C PRO A 154 25.22 -7.76 13.56
N LEU A 155 24.60 -6.76 14.15
CA LEU A 155 24.64 -5.40 13.57
C LEU A 155 25.45 -4.31 14.32
N LYS A 156 25.71 -4.47 15.60
CA LYS A 156 26.23 -3.37 16.42
C LYS A 156 27.63 -2.93 15.94
N ALA A 157 28.51 -3.91 15.74
CA ALA A 157 29.93 -3.55 15.38
C ALA A 157 29.91 -2.80 14.02
N ILE A 158 28.99 -3.21 13.16
CA ILE A 158 28.89 -2.62 11.83
C ILE A 158 28.36 -1.17 11.90
N GLY A 159 27.29 -0.96 12.65
CA GLY A 159 26.78 0.39 12.88
C GLY A 159 27.78 1.32 13.54
N GLU A 160 28.51 0.84 14.54
CA GLU A 160 29.59 1.62 15.13
C GLU A 160 30.65 2.06 14.13
N ALA A 161 31.00 1.19 13.20
CA ALA A 161 32.02 1.58 12.19
C ALA A 161 31.37 2.62 11.23
N CYS A 162 30.06 2.48 10.93
CA CYS A 162 29.37 3.36 9.93
C CYS A 162 29.37 4.76 10.49
N ARG A 163 29.05 4.89 11.78
CA ARG A 163 29.04 6.19 12.45
C ARG A 163 30.45 6.90 12.44
N THR A 164 31.49 6.18 12.81
CA THR A 164 32.84 6.75 12.74
C THR A 164 33.32 7.08 11.33
N GLU A 165 32.97 6.26 10.34
CA GLU A 165 33.30 6.53 8.95
C GLU A 165 32.31 7.44 8.24
N ASP A 166 31.29 7.89 8.98
CA ASP A 166 30.30 8.82 8.45
C ASP A 166 29.62 8.22 7.23
N ALA A 167 29.28 6.93 7.32
CA ALA A 167 28.31 6.28 6.40
C ALA A 167 26.91 6.16 7.06
N LEU A 168 25.84 6.16 6.24
CA LEU A 168 24.51 5.87 6.72
C LEU A 168 24.25 4.39 6.76
N PHE A 169 23.90 3.87 7.93
CA PHE A 169 23.66 2.44 8.05
C PHE A 169 22.15 2.20 7.93
N ILE A 170 21.71 1.58 6.84
CA ILE A 170 20.29 1.42 6.54
C ILE A 170 19.99 -0.06 6.58
N VAL A 171 19.05 -0.44 7.44
CA VAL A 171 18.85 -1.84 7.77
C VAL A 171 17.46 -2.33 7.38
N ASP A 172 17.38 -3.46 6.68
CA ASP A 172 16.08 -4.06 6.44
C ASP A 172 15.83 -4.95 7.68
N ALA A 173 14.96 -4.50 8.60
CA ALA A 173 14.56 -5.31 9.77
C ALA A 173 13.14 -5.91 9.56
N VAL A 174 12.78 -6.20 8.32
CA VAL A 174 11.40 -6.53 7.99
C VAL A 174 10.95 -7.84 8.69
N ALA A 175 11.85 -8.83 8.71
CA ALA A 175 11.54 -10.12 9.26
C ALA A 175 11.80 -10.21 10.74
N THR A 176 12.56 -9.28 11.30
CA THR A 176 12.96 -9.37 12.72
C THR A 176 12.14 -8.42 13.60
N ILE A 177 11.65 -7.31 13.06
CA ILE A 177 11.04 -6.34 13.97
C ILE A 177 9.83 -6.97 14.70
N GLY A 178 9.75 -6.74 16.02
CA GLY A 178 8.69 -7.31 16.88
C GLY A 178 8.82 -8.80 17.24
N GLY A 179 9.90 -9.43 16.79
CA GLY A 179 10.13 -10.86 17.03
C GLY A 179 11.49 -11.15 17.63
N CYS A 180 12.51 -10.43 17.15
CA CYS A 180 13.90 -10.51 17.60
C CYS A 180 14.31 -9.11 17.95
N GLU A 181 15.33 -9.02 18.81
CA GLU A 181 15.79 -7.72 19.27
C GLU A 181 16.13 -6.87 18.08
N VAL A 182 15.59 -5.67 18.02
CA VAL A 182 16.18 -4.65 17.16
C VAL A 182 16.43 -3.37 17.93
N LYS A 183 17.66 -2.88 17.93
CA LYS A 183 17.91 -1.77 18.82
C LYS A 183 18.51 -0.68 17.96
N VAL A 184 17.68 0.18 17.39
CA VAL A 184 18.25 1.13 16.50
C VAL A 184 19.19 2.16 17.09
N ASP A 185 18.86 2.74 18.25
CA ASP A 185 19.84 3.65 18.87
C ASP A 185 21.11 2.97 19.30
N GLU A 186 20.96 1.88 20.03
CA GLU A 186 22.12 1.17 20.55
C GLU A 186 23.06 0.65 19.45
N TRP A 187 22.51 0.27 18.29
CA TRP A 187 23.33 -0.34 17.26
C TRP A 187 23.77 0.68 16.22
N LYS A 188 23.44 1.97 16.46
CA LYS A 188 23.84 3.06 15.63
C LYS A 188 23.32 2.80 14.21
N ILE A 189 22.09 2.35 14.14
CA ILE A 189 21.37 2.27 12.87
C ILE A 189 20.80 3.64 12.55
N ASP A 190 21.08 4.11 11.34
CA ASP A 190 20.60 5.40 10.88
C ASP A 190 19.19 5.38 10.30
N ALA A 191 18.85 4.31 9.58
CA ALA A 191 17.51 4.09 9.14
C ALA A 191 17.19 2.63 9.20
N ALA A 192 15.96 2.31 9.64
CA ALA A 192 15.50 0.91 9.74
C ALA A 192 14.12 0.86 9.10
N ILE A 193 13.83 -0.23 8.40
CA ILE A 193 12.52 -0.36 7.83
C ILE A 193 11.99 -1.67 8.30
N GLY A 194 10.76 -1.64 8.76
CA GLY A 194 10.06 -2.88 9.15
C GLY A 194 9.02 -3.30 8.14
N GLY A 195 8.39 -4.43 8.40
CA GLY A 195 7.16 -4.81 7.69
C GLY A 195 6.11 -5.26 8.66
N THR A 196 4.88 -5.42 8.21
CA THR A 196 3.79 -5.67 9.15
C THR A 196 3.37 -7.15 9.25
N GLN A 197 3.53 -7.94 8.18
CA GLN A 197 2.86 -9.22 8.04
C GLN A 197 3.70 -10.36 8.61
N LYS A 198 4.82 -10.00 9.24
CA LYS A 198 5.76 -10.94 9.86
C LYS A 198 5.61 -10.93 11.38
N CYS A 199 6.66 -10.68 12.16
CA CYS A 199 6.47 -10.76 13.58
C CYS A 199 5.41 -9.84 14.22
N LEU A 200 5.02 -8.79 13.52
CA LEU A 200 3.96 -7.87 13.93
C LEU A 200 2.51 -8.40 13.73
N SER A 201 2.35 -9.40 12.88
CA SER A 201 1.03 -10.01 12.64
C SER A 201 -0.02 -8.92 12.33
N VAL A 202 0.38 -8.02 11.45
CA VAL A 202 -0.53 -7.04 10.86
C VAL A 202 -0.69 -7.29 9.38
N PRO A 203 -1.92 -7.16 8.80
CA PRO A 203 -2.03 -7.45 7.35
C PRO A 203 -0.94 -6.75 6.56
N SER A 204 -0.38 -7.46 5.56
CA SER A 204 0.74 -6.95 4.76
C SER A 204 0.23 -5.75 4.01
N GLY A 205 1.13 -4.91 3.54
CA GLY A 205 0.72 -3.67 2.89
C GLY A 205 0.98 -2.37 3.65
N MET A 206 1.86 -2.42 4.67
CA MET A 206 2.44 -1.16 5.15
C MET A 206 3.82 -1.43 5.64
N ALA A 207 4.66 -0.38 5.65
CA ALA A 207 6.05 -0.51 5.98
C ALA A 207 6.45 0.60 6.99
N PRO A 208 6.52 0.27 8.27
CA PRO A 208 7.00 1.22 9.32
C PRO A 208 8.49 1.50 9.12
N ILE A 209 8.84 2.78 9.18
CA ILE A 209 10.24 3.18 9.00
C ILE A 209 10.63 4.06 10.13
N THR A 210 11.92 4.11 10.41
CA THR A 210 12.44 5.09 11.29
C THR A 210 13.81 5.53 10.80
N TYR A 211 14.15 6.78 11.11
CA TYR A 211 15.47 7.29 10.82
C TYR A 211 15.80 8.54 11.66
N ASN A 212 17.09 8.84 11.75
CA ASN A 212 17.67 9.92 12.60
C ASN A 212 17.93 11.19 11.82
N GLU A 213 18.57 12.16 12.48
CA GLU A 213 18.85 13.51 11.95
C GLU A 213 19.95 13.43 10.87
N ARG A 214 20.91 12.50 11.01
CA ARG A 214 21.85 12.21 9.89
C ARG A 214 21.11 11.91 8.60
N VAL A 215 20.16 10.97 8.67
CA VAL A 215 19.28 10.64 7.50
C VAL A 215 18.41 11.83 7.06
N ALA A 216 17.82 12.53 8.02
CA ALA A 216 16.88 13.61 7.71
C ALA A 216 17.60 14.79 7.02
N ASP A 217 18.80 15.16 7.48
CA ASP A 217 19.55 16.22 6.79
C ASP A 217 19.91 15.92 5.31
N VAL A 218 20.24 14.67 4.99
CA VAL A 218 20.49 14.29 3.60
C VAL A 218 19.19 14.41 2.78
N ILE A 219 18.04 14.07 3.38
CA ILE A 219 16.76 14.15 2.70
C ILE A 219 16.41 15.64 2.50
N ALA A 220 16.68 16.46 3.51
CA ALA A 220 16.40 17.87 3.38
C ALA A 220 17.22 18.50 2.27
N ALA A 221 18.47 18.07 2.09
CA ALA A 221 19.29 18.65 1.01
C ALA A 221 18.71 18.39 -0.41
N ARG A 222 17.55 17.73 -0.46
CA ARG A 222 16.91 17.33 -1.73
C ARG A 222 15.38 17.68 -1.94
N ASN A 241 18.21 20.94 -4.40
CA ASN A 241 19.01 20.06 -5.27
C ASN A 241 18.18 19.03 -6.03
N ARG A 242 18.84 17.96 -6.45
CA ARG A 242 18.23 16.87 -7.21
C ARG A 242 17.15 16.21 -6.36
N PRO A 243 15.87 16.31 -6.83
CA PRO A 243 14.77 15.65 -6.12
C PRO A 243 14.88 14.11 -6.15
N ILE A 244 14.32 13.47 -5.14
CA ILE A 244 14.10 12.01 -5.10
C ILE A 244 13.19 11.61 -6.31
N THR A 245 13.62 10.59 -7.06
CA THR A 245 12.97 10.15 -8.34
C THR A 245 11.49 9.72 -8.18
N SER A 246 11.22 8.91 -7.16
CA SER A 246 9.83 8.59 -6.81
C SER A 246 9.15 9.75 -6.04
N ASN A 247 8.11 10.32 -6.65
CA ASN A 247 7.23 11.23 -5.91
C ASN A 247 6.56 10.53 -4.70
N TYR A 248 6.02 9.32 -4.92
CA TYR A 248 5.29 8.57 -3.88
C TYR A 248 6.23 8.16 -2.73
N PHE A 249 7.47 7.77 -3.06
CA PHE A 249 8.50 7.44 -2.03
C PHE A 249 9.37 8.62 -1.56
N ASP A 250 8.91 9.86 -1.80
CA ASP A 250 9.68 11.07 -1.42
C ASP A 250 9.54 11.37 0.12
N LEU A 251 10.48 10.86 0.93
CA LEU A 251 10.38 10.99 2.41
C LEU A 251 10.32 12.44 2.89
N SER A 252 10.86 13.36 2.06
CA SER A 252 10.85 14.81 2.32
C SER A 252 9.44 15.40 2.29
N GLN A 253 8.61 14.86 1.40
CA GLN A 253 7.19 15.18 1.37
C GLN A 253 6.46 14.36 2.41
N LEU A 254 6.86 13.09 2.58
CA LEU A 254 6.24 12.23 3.62
C LEU A 254 6.47 12.74 5.07
N GLU A 255 7.58 13.45 5.30
CA GLU A 255 7.78 14.05 6.61
C GLU A 255 6.84 15.25 6.91
N ASP A 256 6.48 16.04 5.88
CA ASP A 256 5.53 17.15 6.02
C ASP A 256 4.08 16.59 6.15
N TYR A 257 3.85 15.42 5.53
CA TYR A 257 2.62 14.62 5.74
C TYR A 257 2.43 14.19 7.21
N TRP A 258 3.50 13.68 7.82
CA TRP A 258 3.44 13.06 9.14
C TRP A 258 3.98 14.06 10.21
N SER A 259 3.58 15.33 10.10
CA SER A 259 3.80 16.35 11.14
C SER A 259 2.82 17.53 10.97
N GLU A 260 3.00 18.57 11.79
CA GLU A 260 2.08 19.73 11.95
C GLU A 260 1.44 20.29 10.66
N ARG A 261 2.22 20.36 9.58
CA ARG A 261 1.75 21.07 8.38
C ARG A 261 0.71 20.31 7.50
N ARG A 262 0.58 18.99 7.78
CA ARG A 262 -0.32 18.04 7.09
C ARG A 262 -0.32 18.24 5.58
N LEU A 263 0.88 18.14 4.99
CA LEU A 263 1.03 18.23 3.52
C LEU A 263 0.20 17.13 2.83
N ASN A 264 -0.72 17.51 1.93
CA ASN A 264 -1.49 16.53 1.15
C ASN A 264 -0.62 15.80 0.12
N HIS A 265 0.19 14.85 0.61
CA HIS A 265 1.08 14.10 -0.27
C HIS A 265 0.39 12.83 -0.84
N HIS A 266 -0.50 12.20 -0.06
CA HIS A 266 -1.22 10.97 -0.46
C HIS A 266 -2.32 10.75 0.61
N THR A 267 -3.40 10.05 0.23
CA THR A 267 -4.44 9.60 1.16
C THR A 267 -3.88 8.44 1.94
N GLU A 268 -3.51 8.73 3.17
CA GLU A 268 -3.12 7.64 4.06
C GLU A 268 -4.17 6.46 4.01
N ALA A 269 -3.71 5.23 4.17
CA ALA A 269 -4.56 4.08 4.10
C ALA A 269 -5.21 3.91 5.48
N THR A 270 -6.47 4.29 5.56
CA THR A 270 -7.20 4.38 6.83
C THR A 270 -7.26 3.13 7.63
N THR A 271 -7.76 2.06 7.02
CA THR A 271 -7.96 0.82 7.69
C THR A 271 -6.61 0.16 8.03
N MET A 272 -5.61 0.28 7.15
CA MET A 272 -4.30 -0.34 7.41
C MET A 272 -3.60 0.34 8.59
N LEU A 273 -3.85 1.63 8.76
CA LEU A 273 -3.38 2.38 9.92
C LEU A 273 -4.06 1.96 11.23
N TYR A 274 -5.39 1.73 11.20
CA TYR A 274 -6.08 1.14 12.34
C TYR A 274 -5.35 -0.13 12.76
N ALA A 275 -5.11 -0.97 11.75
CA ALA A 275 -4.53 -2.30 11.97
C ALA A 275 -3.10 -2.19 12.52
N LEU A 276 -2.29 -1.29 11.99
CA LEU A 276 -0.94 -1.09 12.50
C LEU A 276 -0.95 -0.58 13.96
N ARG A 277 -1.70 0.48 14.19
CA ARG A 277 -1.92 0.98 15.54
C ARG A 277 -2.26 -0.15 16.52
N GLU A 278 -3.28 -0.95 16.21
CA GLU A 278 -3.62 -2.04 17.13
C GLU A 278 -2.53 -3.10 17.23
N GLY A 279 -1.91 -3.46 16.11
CA GLY A 279 -0.83 -4.47 16.12
C GLY A 279 0.39 -4.08 16.94
N VAL A 280 0.85 -2.82 16.79
CA VAL A 280 1.92 -2.34 17.64
C VAL A 280 1.44 -2.18 19.09
N ARG A 281 0.21 -1.77 19.29
CA ARG A 281 -0.19 -1.68 20.72
C ARG A 281 -0.08 -3.07 21.38
N LEU A 282 -0.42 -4.16 20.67
CA LEU A 282 -0.37 -5.50 21.23
C LEU A 282 1.03 -5.94 21.50
N VAL A 283 1.95 -5.57 20.62
CA VAL A 283 3.34 -5.90 20.95
C VAL A 283 3.83 -5.24 22.22
N LEU A 284 3.49 -3.99 22.37
CA LEU A 284 3.91 -3.23 23.54
C LEU A 284 3.21 -3.69 24.81
N GLU A 285 1.99 -4.25 24.71
CA GLU A 285 1.32 -4.73 25.89
C GLU A 285 1.97 -6.01 26.35
N GLU A 286 2.38 -6.84 25.39
CA GLU A 286 3.15 -8.01 25.69
C GLU A 286 4.48 -7.64 26.37
N GLY A 287 5.16 -6.63 25.86
CA GLY A 287 6.48 -6.35 26.35
C GLY A 287 7.46 -6.89 25.31
N LEU A 288 8.34 -6.00 24.83
CA LEU A 288 9.32 -6.38 23.83
C LEU A 288 10.19 -7.56 24.32
N GLU A 289 10.83 -7.42 25.48
CA GLU A 289 11.67 -8.52 25.99
C GLU A 289 10.90 -9.85 26.25
N THR A 290 9.71 -9.76 26.89
CA THR A 290 8.77 -10.89 27.01
C THR A 290 8.44 -11.46 25.64
N ARG A 291 8.03 -10.61 24.71
CA ARG A 291 7.77 -11.09 23.37
C ARG A 291 8.97 -11.77 22.73
N PHE A 292 10.19 -11.23 22.84
CA PHE A 292 11.34 -11.95 22.23
C PHE A 292 11.60 -13.30 22.87
N GLU A 293 11.45 -13.35 24.20
CA GLU A 293 11.60 -14.61 24.95
C GLU A 293 10.49 -15.62 24.55
N ARG A 294 9.28 -15.13 24.32
CA ARG A 294 8.20 -15.99 23.88
C ARG A 294 8.49 -16.60 22.48
N HIS A 295 9.09 -15.82 21.59
CA HIS A 295 9.50 -16.34 20.27
C HIS A 295 10.59 -17.44 20.46
N ARG A 296 11.56 -17.19 21.31
CA ARG A 296 12.53 -18.24 21.65
C ARG A 296 11.94 -19.52 22.24
N HIS A 297 11.00 -19.35 23.17
CA HIS A 297 10.39 -20.52 23.77
C HIS A 297 9.80 -21.48 22.68
N HIS A 298 8.97 -20.92 21.77
CA HIS A 298 8.33 -21.74 20.75
C HIS A 298 9.32 -22.27 19.74
N GLU A 299 10.38 -21.50 19.50
CA GLU A 299 11.42 -21.97 18.64
C GLU A 299 12.03 -23.24 19.23
N ALA A 300 12.22 -23.26 20.56
CA ALA A 300 12.86 -24.37 21.24
C ALA A 300 11.96 -25.64 21.19
N ALA A 301 10.67 -25.50 21.49
CA ALA A 301 9.72 -26.57 21.31
C ALA A 301 9.65 -27.15 19.85
N LEU A 302 9.48 -26.27 18.81
CA LEU A 302 9.55 -26.71 17.41
C LEU A 302 10.83 -27.53 17.12
N ALA A 303 11.98 -26.97 17.53
CA ALA A 303 13.29 -27.58 17.37
C ALA A 303 13.40 -28.98 17.97
N ALA A 304 12.93 -29.12 19.22
CA ALA A 304 12.99 -30.48 19.85
C ALA A 304 12.00 -31.38 19.09
N GLY A 305 10.86 -30.86 18.60
CA GLY A 305 9.98 -31.73 17.83
C GLY A 305 10.59 -32.20 16.52
N ILE A 306 11.20 -31.27 15.78
CA ILE A 306 11.79 -31.58 14.45
C ILE A 306 12.91 -32.60 14.65
N LYS A 307 13.70 -32.40 15.70
CA LYS A 307 14.83 -33.32 16.01
C LYS A 307 14.41 -34.74 16.35
N ALA A 308 13.43 -34.85 17.24
CA ALA A 308 12.94 -36.11 17.73
C ALA A 308 12.26 -36.85 16.57
N MET A 309 11.75 -36.07 15.64
CA MET A 309 11.23 -36.63 14.40
C MET A 309 12.33 -37.22 13.48
N GLY A 310 13.62 -36.97 13.79
CA GLY A 310 14.72 -37.56 13.01
C GLY A 310 15.14 -36.66 11.84
N LEU A 311 14.66 -35.41 11.85
CA LEU A 311 15.03 -34.45 10.81
C LEU A 311 16.22 -33.56 11.22
N ARG A 312 16.91 -33.00 10.24
CA ARG A 312 18.05 -32.10 10.53
C ARG A 312 17.77 -30.65 10.12
N LEU A 313 18.36 -29.70 10.82
CA LEU A 313 18.26 -28.30 10.40
C LEU A 313 19.39 -27.92 9.42
N PHE A 314 19.06 -27.09 8.44
CA PHE A 314 20.06 -26.44 7.61
C PHE A 314 20.72 -25.28 8.35
N GLY A 315 22.01 -25.07 8.06
CA GLY A 315 22.58 -23.75 8.31
C GLY A 315 23.42 -23.64 9.56
N ASP A 316 24.15 -22.52 9.66
CA ASP A 316 25.10 -22.25 10.76
C ASP A 316 24.28 -22.02 12.02
N ASP A 317 24.42 -22.94 12.98
CA ASP A 317 23.71 -22.88 14.26
C ASP A 317 24.09 -21.62 15.08
N SER A 318 25.24 -21.00 14.84
CA SER A 318 25.61 -19.83 15.66
C SER A 318 24.88 -18.55 15.29
N CYS A 319 24.35 -18.49 14.09
CA CYS A 319 23.63 -17.31 13.68
C CYS A 319 22.22 -17.72 13.22
N LYS A 320 21.53 -18.61 13.96
CA LYS A 320 20.23 -19.05 13.55
C LYS A 320 19.19 -17.95 13.84
N MET A 321 18.45 -17.54 12.83
CA MET A 321 17.32 -16.63 13.07
C MET A 321 16.27 -17.30 13.99
N PRO A 322 15.87 -16.64 15.09
CA PRO A 322 15.00 -17.39 16.05
C PRO A 322 13.61 -17.72 15.45
N VAL A 323 13.15 -16.84 14.56
CA VAL A 323 11.76 -16.95 14.03
C VAL A 323 11.60 -17.75 12.74
N VAL A 324 12.65 -18.41 12.27
CA VAL A 324 12.53 -19.25 11.10
C VAL A 324 13.37 -20.45 11.43
N THR A 325 12.92 -21.60 10.96
CA THR A 325 13.59 -22.86 11.20
C THR A 325 13.63 -23.59 9.88
N CYS A 326 14.84 -23.86 9.39
CA CYS A 326 15.05 -24.42 8.05
C CYS A 326 15.28 -25.91 8.23
N VAL A 327 14.34 -26.71 7.73
CA VAL A 327 14.37 -28.14 7.93
C VAL A 327 14.83 -28.77 6.64
N GLU A 328 15.82 -29.67 6.74
CA GLU A 328 16.39 -30.33 5.57
C GLU A 328 15.40 -31.36 5.05
N ILE A 329 15.09 -31.28 3.76
CA ILE A 329 14.29 -32.27 3.06
C ILE A 329 15.13 -33.53 2.86
N PRO A 330 14.69 -34.63 3.45
CA PRO A 330 15.47 -35.91 3.31
C PRO A 330 15.54 -36.40 1.86
N GLY A 331 16.62 -37.07 1.50
CA GLY A 331 16.80 -37.60 0.14
C GLY A 331 15.64 -38.49 -0.29
N GLY A 332 15.22 -38.40 -1.56
CA GLY A 332 14.07 -39.21 -2.05
C GLY A 332 12.66 -38.76 -1.64
N ILE A 333 12.54 -37.55 -1.09
CA ILE A 333 11.23 -37.03 -0.72
C ILE A 333 11.00 -35.74 -1.50
N ASP A 334 9.87 -35.67 -2.19
CA ASP A 334 9.53 -34.51 -2.99
C ASP A 334 9.00 -33.45 -2.01
N GLY A 335 9.78 -32.41 -1.80
CA GLY A 335 9.47 -31.39 -0.81
C GLY A 335 8.24 -30.58 -1.19
N GLU A 336 8.00 -30.44 -2.48
CA GLU A 336 6.82 -29.73 -2.93
C GLU A 336 5.56 -30.57 -2.65
N SER A 337 5.68 -31.90 -2.78
CA SER A 337 4.54 -32.79 -2.62
C SER A 337 4.15 -32.72 -1.16
N VAL A 338 5.17 -32.73 -0.29
CA VAL A 338 4.95 -32.60 1.17
C VAL A 338 4.26 -31.31 1.55
N ARG A 339 4.68 -30.21 0.94
CA ARG A 339 4.11 -28.90 1.24
C ARG A 339 2.65 -28.78 0.77
N ASP A 340 2.40 -29.24 -0.46
CA ASP A 340 1.06 -29.25 -1.04
C ASP A 340 0.08 -30.09 -0.19
N MET A 341 0.52 -31.27 0.27
CA MET A 341 -0.35 -32.16 1.07
C MET A 341 -0.68 -31.60 2.46
N LEU A 342 0.31 -31.03 3.13
CA LEU A 342 0.10 -30.39 4.41
C LEU A 342 -1.00 -29.34 4.27
N LEU A 343 -0.90 -28.54 3.21
CA LEU A 343 -1.87 -27.50 2.88
C LEU A 343 -3.23 -28.08 2.56
N ALA A 344 -3.29 -29.03 1.64
CA ALA A 344 -4.56 -29.53 1.08
C ALA A 344 -5.30 -30.31 2.17
N GLN A 345 -4.58 -30.99 3.05
CA GLN A 345 -5.32 -31.83 4.01
C GLN A 345 -5.48 -31.20 5.39
N PHE A 346 -4.40 -30.63 5.90
CA PHE A 346 -4.43 -30.00 7.22
C PHE A 346 -4.66 -28.51 7.19
N GLY A 347 -4.64 -27.88 6.03
CA GLY A 347 -4.76 -26.43 6.01
C GLY A 347 -3.51 -25.80 6.61
N ILE A 348 -2.44 -26.57 6.76
CA ILE A 348 -1.19 -26.05 7.36
C ILE A 348 -0.26 -25.50 6.29
N GLU A 349 0.26 -24.29 6.48
CA GLU A 349 1.15 -23.71 5.44
C GLU A 349 2.56 -23.57 5.94
N ILE A 350 3.49 -24.21 5.24
CA ILE A 350 4.95 -24.00 5.39
C ILE A 350 5.53 -23.56 4.05
N ALA A 351 6.73 -23.03 4.09
CA ALA A 351 7.35 -22.44 2.89
C ALA A 351 8.33 -23.40 2.24
N SER A 352 8.36 -23.41 0.91
CA SER A 352 9.47 -24.06 0.20
C SER A 352 10.55 -23.01 0.01
N SER A 353 11.62 -23.38 -0.68
CA SER A 353 12.62 -22.43 -1.14
C SER A 353 12.63 -22.39 -2.66
N PHE A 354 12.87 -21.22 -3.21
CA PHE A 354 13.08 -21.08 -4.65
C PHE A 354 14.47 -20.48 -4.90
N GLY A 355 15.12 -20.81 -6.02
CA GLY A 355 16.54 -20.37 -6.15
C GLY A 355 17.45 -21.43 -5.56
N PRO A 356 18.65 -21.03 -5.07
CA PRO A 356 19.73 -21.96 -4.70
C PRO A 356 19.36 -23.04 -3.66
N LEU A 357 18.46 -22.70 -2.74
CA LEU A 357 18.00 -23.66 -1.73
C LEU A 357 16.75 -24.44 -2.18
N ALA A 358 16.33 -24.24 -3.44
CA ALA A 358 15.16 -24.93 -3.97
C ALA A 358 15.39 -26.43 -3.82
N GLY A 359 14.43 -27.09 -3.21
CA GLY A 359 14.45 -28.53 -3.00
C GLY A 359 15.33 -29.00 -1.85
N LYS A 360 16.01 -28.09 -1.17
CA LYS A 360 16.88 -28.51 -0.06
C LYS A 360 16.20 -28.38 1.29
N ILE A 361 15.32 -27.38 1.44
CA ILE A 361 14.80 -27.05 2.75
C ILE A 361 13.35 -26.68 2.71
N TRP A 362 12.65 -26.98 3.79
CA TRP A 362 11.40 -26.24 4.08
C TRP A 362 11.74 -25.20 5.08
N ARG A 363 11.00 -24.09 5.10
CA ARG A 363 11.20 -23.08 6.12
C ARG A 363 9.94 -22.95 6.97
N ILE A 364 10.08 -23.17 8.28
CA ILE A 364 8.90 -23.09 9.12
C ILE A 364 9.08 -21.79 9.93
N GLY A 365 8.14 -20.85 9.76
CA GLY A 365 8.13 -19.55 10.47
C GLY A 365 7.42 -19.75 11.80
N THR A 366 7.89 -19.08 12.85
CA THR A 366 7.19 -19.05 14.16
C THR A 366 7.21 -17.57 14.50
N MET A 367 6.35 -16.78 13.86
CA MET A 367 6.37 -15.33 13.97
C MET A 367 5.04 -14.78 14.51
N GLY A 368 5.09 -13.81 15.45
CA GLY A 368 3.90 -13.13 15.82
C GLY A 368 2.81 -14.04 16.36
N TYR A 369 1.59 -13.82 15.90
CA TYR A 369 0.44 -14.57 16.44
C TYR A 369 0.52 -16.06 16.08
N SER A 370 1.16 -16.39 14.95
CA SER A 370 1.47 -17.79 14.56
C SER A 370 2.47 -18.51 15.50
N CYS A 371 3.21 -17.71 16.27
CA CYS A 371 4.23 -18.24 17.16
C CYS A 371 3.51 -18.61 18.47
N ARG A 372 2.80 -19.73 18.46
CA ARG A 372 2.04 -20.11 19.64
C ARG A 372 1.98 -21.60 19.77
N LYS A 373 1.83 -22.09 21.00
CA LYS A 373 1.96 -23.52 21.23
C LYS A 373 1.03 -24.39 20.40
N GLU A 374 -0.21 -23.95 20.17
CA GLU A 374 -1.16 -24.74 19.38
C GLU A 374 -0.66 -24.99 17.93
N ASN A 375 -0.09 -23.94 17.34
CA ASN A 375 0.39 -23.98 15.94
C ASN A 375 1.70 -24.80 15.89
N VAL A 376 2.54 -24.63 16.90
CA VAL A 376 3.74 -25.41 16.93
C VAL A 376 3.40 -26.91 17.05
N LEU A 377 2.48 -27.26 17.93
CA LEU A 377 2.02 -28.66 18.01
C LEU A 377 1.37 -29.16 16.71
N PHE A 378 0.49 -28.37 16.09
CA PHE A 378 -0.20 -28.85 14.89
C PHE A 378 0.73 -28.99 13.69
N VAL A 379 1.68 -28.09 13.55
CA VAL A 379 2.57 -28.16 12.41
C VAL A 379 3.44 -29.44 12.52
N LEU A 380 3.84 -29.80 13.74
CA LEU A 380 4.66 -31.05 13.91
C LEU A 380 3.76 -32.28 13.66
N ALA A 381 2.53 -32.22 14.15
CA ALA A 381 1.64 -33.38 13.95
C ALA A 381 1.37 -33.56 12.43
N GLY A 382 1.03 -32.47 11.74
CA GLY A 382 0.77 -32.52 10.32
C GLY A 382 1.97 -32.96 9.53
N LEU A 383 3.14 -32.38 9.85
CA LEU A 383 4.32 -32.70 9.08
C LEU A 383 4.73 -34.14 9.35
N GLU A 384 4.57 -34.63 10.58
CA GLU A 384 4.83 -36.04 10.86
C GLU A 384 3.93 -36.94 9.95
N ALA A 385 2.61 -36.70 9.97
CA ALA A 385 1.66 -37.57 9.20
C ALA A 385 1.93 -37.52 7.70
N VAL A 386 2.26 -36.35 7.16
CA VAL A 386 2.58 -36.25 5.76
C VAL A 386 3.89 -36.95 5.38
N LEU A 387 4.88 -36.89 6.27
CA LEU A 387 6.15 -37.46 5.95
C LEU A 387 6.02 -38.98 5.99
N LEU A 388 5.35 -39.50 7.02
CA LEU A 388 4.93 -40.90 6.99
C LEU A 388 4.18 -41.30 5.71
N ARG A 389 3.22 -40.46 5.25
CA ARG A 389 2.51 -40.76 3.98
C ARG A 389 3.46 -40.87 2.76
N HIS A 390 4.54 -40.08 2.75
CA HIS A 390 5.55 -40.10 1.69
C HIS A 390 6.66 -41.10 1.91
N ASN A 391 6.59 -41.87 3.00
CA ASN A 391 7.58 -42.90 3.32
C ASN A 391 9.07 -42.45 3.46
N ALA A 392 9.50 -41.55 4.36
CA ALA A 392 9.09 -41.38 5.74
C ALA A 392 9.85 -42.29 6.69
N GLY A 393 11.18 -42.25 6.69
CA GLY A 393 11.93 -43.00 7.71
C GLY A 393 12.04 -42.28 9.06
N ILE A 394 10.89 -42.06 9.72
CA ILE A 394 10.79 -41.36 11.03
C ILE A 394 10.05 -42.23 12.07
N GLU A 395 10.11 -41.84 13.34
CA GLU A 395 9.41 -42.61 14.37
C GLU A 395 8.28 -41.84 15.09
N ALA A 396 7.04 -42.30 14.93
CA ALA A 396 5.94 -42.14 15.93
C ALA A 396 5.45 -40.78 16.38
N GLY A 397 4.85 -40.85 17.55
CA GLY A 397 4.67 -39.75 18.43
C GLY A 397 5.94 -39.37 19.17
N LYS A 398 7.13 -39.43 18.53
CA LYS A 398 8.33 -38.83 19.19
C LYS A 398 8.34 -37.32 19.08
N ALA A 399 7.96 -36.80 17.91
CA ALA A 399 7.90 -35.35 17.69
C ALA A 399 7.05 -34.67 18.79
N LEU A 400 5.79 -35.06 18.93
CA LEU A 400 4.92 -34.39 19.93
C LEU A 400 5.37 -34.48 21.41
N GLN A 401 5.80 -35.67 21.83
CA GLN A 401 6.25 -35.84 23.22
C GLN A 401 7.42 -34.89 23.49
N ALA A 402 8.28 -34.72 22.49
CA ALA A 402 9.41 -33.84 22.72
C ALA A 402 9.02 -32.36 22.74
N ALA A 403 8.08 -31.91 21.89
CA ALA A 403 7.61 -30.52 22.02
C ALA A 403 6.82 -30.38 23.31
N LEU A 404 6.02 -31.40 23.70
CA LEU A 404 5.27 -31.33 24.96
C LEU A 404 6.18 -31.30 26.20
N ASP A 405 7.22 -32.14 26.22
CA ASP A 405 8.27 -31.99 27.22
C ASP A 405 8.78 -30.56 27.35
N VAL A 406 9.11 -29.90 26.25
CA VAL A 406 9.59 -28.53 26.44
C VAL A 406 8.52 -27.59 26.99
N TYR A 407 7.26 -27.83 26.60
CA TYR A 407 6.17 -26.95 27.07
C TYR A 407 5.88 -27.22 28.54
N GLU A 408 5.99 -28.49 28.94
CA GLU A 408 5.84 -28.86 30.36
C GLU A 408 6.91 -28.27 31.31
N ASN A 409 8.20 -28.27 30.91
CA ASN A 409 9.32 -27.81 31.78
C ASN A 409 9.19 -26.36 32.26
N ARG B 5 -7.71 1.64 26.11
CA ARG B 5 -6.75 1.98 25.02
C ARG B 5 -6.83 1.22 23.67
N GLU B 6 -7.68 0.19 23.56
CA GLU B 6 -8.14 -0.29 22.22
C GLU B 6 -8.71 0.94 21.40
N LEU B 7 -8.70 0.84 20.08
CA LEU B 7 -9.02 1.98 19.25
C LEU B 7 -10.46 2.44 19.51
N CYS B 8 -10.68 3.75 19.45
CA CYS B 8 -11.99 4.30 19.67
C CYS B 8 -12.03 5.46 18.73
N THR B 9 -12.94 5.41 17.76
CA THR B 9 -13.14 6.46 16.80
C THR B 9 -14.62 6.86 16.69
N PRO B 10 -14.89 8.11 16.31
CA PRO B 10 -16.24 8.57 16.13
C PRO B 10 -16.82 8.01 14.79
N LEU B 11 -18.14 7.94 14.70
CA LEU B 11 -18.79 7.55 13.46
C LEU B 11 -19.04 8.83 12.70
N ARG B 12 -18.34 8.99 11.58
CA ARG B 12 -18.49 10.17 10.77
C ARG B 12 -19.55 9.97 9.69
N THR B 13 -20.08 11.10 9.25
CA THR B 13 -20.77 11.19 8.02
C THR B 13 -19.84 11.84 7.00
N ILE B 14 -19.29 11.06 6.06
CA ILE B 14 -18.18 11.59 5.26
C ILE B 14 -18.66 12.05 3.87
N MET B 15 -18.57 13.35 3.62
CA MET B 15 -19.08 13.90 2.36
C MET B 15 -17.98 14.74 1.71
N THR B 16 -16.77 14.26 1.82
CA THR B 16 -15.69 14.75 1.02
C THR B 16 -15.61 13.97 -0.32
N PRO B 17 -14.72 14.39 -1.21
CA PRO B 17 -14.27 13.65 -2.37
C PRO B 17 -13.30 12.50 -2.08
N GLY B 18 -13.17 12.06 -0.83
CA GLY B 18 -12.42 10.86 -0.54
C GLY B 18 -11.36 11.16 0.51
N PRO B 19 -11.01 10.12 1.33
CA PRO B 19 -11.66 8.80 1.32
C PRO B 19 -13.05 8.88 1.85
N VAL B 20 -13.91 8.05 1.31
CA VAL B 20 -15.33 8.12 1.65
C VAL B 20 -15.80 6.96 2.57
N GLU B 21 -17.08 6.90 3.00
CA GLU B 21 -17.45 5.71 3.81
C GLU B 21 -17.38 4.38 3.02
N VAL B 22 -17.16 3.25 3.72
CA VAL B 22 -17.01 1.92 3.11
C VAL B 22 -18.32 1.21 3.41
N ASP B 23 -18.91 0.55 2.41
CA ASP B 23 -20.10 -0.29 2.68
C ASP B 23 -19.82 -1.28 3.83
N PRO B 24 -20.77 -1.43 4.80
CA PRO B 24 -20.66 -2.40 5.86
C PRO B 24 -20.30 -3.78 5.38
N ARG B 25 -20.76 -4.16 4.19
CA ARG B 25 -20.39 -5.50 3.66
C ARG B 25 -18.89 -5.64 3.33
N VAL B 26 -18.25 -4.57 2.92
CA VAL B 26 -16.78 -4.53 2.76
C VAL B 26 -16.10 -4.46 4.14
N LEU B 27 -16.56 -3.56 5.05
CA LEU B 27 -15.98 -3.53 6.38
C LEU B 27 -15.92 -4.91 7.06
N ARG B 28 -17.00 -5.69 7.02
CA ARG B 28 -17.12 -6.93 7.85
C ARG B 28 -16.18 -8.00 7.35
N VAL B 29 -15.90 -8.03 6.06
CA VAL B 29 -14.98 -9.02 5.42
C VAL B 29 -13.54 -8.81 5.84
N MET B 30 -13.24 -7.66 6.45
CA MET B 30 -11.79 -7.34 6.72
C MET B 30 -11.33 -7.94 8.04
N SER B 31 -12.29 -8.56 8.74
CA SER B 31 -12.02 -9.29 9.98
C SER B 31 -11.78 -10.79 9.61
N THR B 32 -11.82 -11.13 8.31
CA THR B 32 -11.53 -12.53 7.91
C THR B 32 -10.06 -12.88 8.07
N PRO B 33 -9.77 -14.06 8.68
CA PRO B 33 -8.32 -14.46 8.84
C PRO B 33 -7.62 -14.59 7.49
N VAL B 34 -6.35 -14.19 7.45
CA VAL B 34 -5.61 -14.10 6.19
C VAL B 34 -5.21 -15.47 5.69
N VAL B 35 -5.03 -15.55 4.37
CA VAL B 35 -4.33 -16.65 3.74
C VAL B 35 -3.05 -16.12 3.00
N GLY B 36 -2.06 -16.96 2.72
CA GLY B 36 -0.79 -16.43 2.11
C GLY B 36 -0.89 -16.18 0.64
N GLN B 37 0.13 -15.52 0.03
CA GLN B 37 0.08 -15.12 -1.43
C GLN B 37 0.05 -16.35 -2.29
N PHE B 38 0.63 -17.43 -1.85
CA PHE B 38 0.73 -18.55 -2.73
C PHE B 38 -0.33 -19.62 -2.44
N ASP B 39 -1.16 -19.38 -1.46
CA ASP B 39 -2.23 -20.32 -1.12
C ASP B 39 -3.23 -20.31 -2.30
N PRO B 40 -3.70 -21.50 -2.76
CA PRO B 40 -4.71 -21.58 -3.86
C PRO B 40 -5.94 -20.78 -3.59
N ALA B 41 -6.34 -20.67 -2.33
CA ALA B 41 -7.47 -19.75 -2.06
C ALA B 41 -7.16 -18.33 -2.49
N PHE B 42 -5.89 -17.93 -2.33
CA PHE B 42 -5.54 -16.56 -2.63
C PHE B 42 -5.47 -16.36 -4.10
N THR B 43 -4.87 -17.32 -4.81
CA THR B 43 -4.76 -17.23 -6.29
C THR B 43 -6.19 -17.21 -6.92
N GLY B 44 -7.15 -17.92 -6.36
CA GLY B 44 -8.55 -17.86 -6.84
C GLY B 44 -9.16 -16.48 -6.64
N ILE B 45 -8.89 -15.89 -5.48
CA ILE B 45 -9.34 -14.51 -5.24
C ILE B 45 -8.73 -13.56 -6.27
N MET B 46 -7.43 -13.72 -6.52
CA MET B 46 -6.69 -12.86 -7.47
C MET B 46 -7.32 -12.94 -8.85
N ASN B 47 -7.53 -14.18 -9.30
CA ASN B 47 -8.09 -14.40 -10.59
C ASN B 47 -9.47 -13.78 -10.78
N GLU B 48 -10.34 -13.90 -9.77
CA GLU B 48 -11.69 -13.35 -9.87
C GLU B 48 -11.70 -11.81 -9.83
N THR B 49 -10.85 -11.28 -8.97
CA THR B 49 -10.63 -9.88 -8.90
C THR B 49 -10.18 -9.33 -10.30
N MET B 50 -9.27 -9.99 -10.99
CA MET B 50 -8.90 -9.53 -12.37
C MET B 50 -10.12 -9.51 -13.34
N GLU B 51 -10.96 -10.56 -13.35
CA GLU B 51 -12.19 -10.58 -14.17
C GLU B 51 -13.17 -9.44 -13.83
N MET B 52 -13.33 -9.17 -12.55
CA MET B 52 -14.23 -8.12 -12.13
C MET B 52 -13.67 -6.74 -12.53
N LEU B 53 -12.34 -6.60 -12.48
CA LEU B 53 -11.72 -5.33 -12.89
C LEU B 53 -11.86 -5.05 -14.42
N ARG B 54 -11.88 -6.11 -15.23
CA ARG B 54 -12.18 -5.99 -16.68
C ARG B 54 -13.59 -5.47 -16.90
N GLU B 55 -14.61 -5.98 -16.17
CA GLU B 55 -15.97 -5.42 -16.33
C GLU B 55 -16.02 -4.01 -15.80
N LEU B 56 -15.33 -3.80 -14.70
CA LEU B 56 -15.38 -2.50 -14.00
C LEU B 56 -14.83 -1.41 -14.95
N PHE B 57 -13.70 -1.68 -15.60
CA PHE B 57 -13.08 -0.73 -16.54
C PHE B 57 -13.70 -0.78 -17.93
N GLN B 58 -14.68 -1.66 -18.12
CA GLN B 58 -15.32 -1.85 -19.45
C GLN B 58 -14.29 -2.12 -20.53
N THR B 59 -13.53 -3.20 -20.26
CA THR B 59 -12.44 -3.55 -21.15
C THR B 59 -12.31 -5.05 -21.32
N LYS B 60 -11.69 -5.44 -22.45
CA LYS B 60 -11.25 -6.80 -22.68
C LYS B 60 -9.76 -7.02 -22.30
N ASN B 61 -9.05 -5.97 -21.92
CA ASN B 61 -7.58 -6.11 -21.61
C ASN B 61 -7.28 -7.37 -20.80
N ARG B 62 -6.26 -8.09 -21.21
CA ARG B 62 -5.69 -9.15 -20.40
C ARG B 62 -5.16 -8.63 -19.09
N TRP B 63 -4.73 -7.36 -19.06
CA TRP B 63 -4.07 -6.82 -17.88
C TRP B 63 -5.01 -5.88 -17.10
N ALA B 64 -5.59 -6.39 -16.00
CA ALA B 64 -6.42 -5.65 -15.11
C ALA B 64 -6.10 -6.17 -13.71
N TYR B 65 -5.44 -5.35 -12.89
CA TYR B 65 -4.98 -5.83 -11.57
C TYR B 65 -4.61 -4.73 -10.63
N PRO B 66 -4.59 -5.05 -9.31
CA PRO B 66 -4.32 -3.98 -8.35
C PRO B 66 -2.83 -3.79 -8.08
N ILE B 67 -2.43 -2.57 -7.79
CA ILE B 67 -1.11 -2.41 -7.20
C ILE B 67 -1.15 -1.87 -5.75
N ASP B 68 -0.15 -2.25 -4.96
CA ASP B 68 -0.26 -2.04 -3.53
C ASP B 68 0.31 -0.67 -3.16
N GLY B 69 -0.43 0.38 -3.41
CA GLY B 69 -0.07 1.67 -2.81
C GLY B 69 -1.32 2.43 -2.97
N THR B 70 -1.28 3.72 -2.68
CA THR B 70 -2.42 4.57 -2.97
C THR B 70 -2.58 4.73 -4.50
N SER B 71 -3.68 5.35 -4.88
CA SER B 71 -3.97 5.76 -6.22
C SER B 71 -2.71 6.28 -6.93
N ARG B 72 -1.97 7.21 -6.30
CA ARG B 72 -0.78 7.87 -6.92
C ARG B 72 0.35 6.88 -7.23
N ALA B 73 0.51 5.84 -6.39
CA ALA B 73 1.54 4.82 -6.62
C ALA B 73 1.20 4.04 -7.88
N GLY B 74 -0.11 3.85 -8.13
CA GLY B 74 -0.61 3.19 -9.30
C GLY B 74 -0.29 4.02 -10.54
N ILE B 75 -0.60 5.31 -10.52
CA ILE B 75 -0.29 6.25 -11.57
C ILE B 75 1.23 6.28 -11.84
N GLU B 76 2.03 6.32 -10.76
CA GLU B 76 3.46 6.34 -10.86
C GLU B 76 3.99 5.05 -11.48
N ALA B 77 3.51 3.90 -11.01
CA ALA B 77 3.84 2.61 -11.54
C ALA B 77 3.62 2.51 -13.08
N VAL B 78 2.46 2.98 -13.58
CA VAL B 78 2.24 2.97 -15.04
C VAL B 78 3.22 3.91 -15.73
N LEU B 79 3.26 5.17 -15.31
CA LEU B 79 4.07 6.13 -16.01
C LEU B 79 5.55 5.73 -15.98
N ALA B 80 6.01 5.22 -14.85
CA ALA B 80 7.41 4.76 -14.69
C ALA B 80 7.75 3.65 -15.64
N SER B 81 6.79 2.81 -15.93
CA SER B 81 7.03 1.63 -16.73
C SER B 81 7.02 1.96 -18.22
N VAL B 82 6.36 3.05 -18.62
CA VAL B 82 6.38 3.51 -20.05
C VAL B 82 7.23 4.77 -20.38
N ILE B 83 7.70 5.49 -19.37
CA ILE B 83 8.63 6.60 -19.63
C ILE B 83 10.12 6.27 -19.54
N GLU B 84 10.84 6.69 -20.55
CA GLU B 84 12.31 6.65 -20.55
C GLU B 84 12.85 8.07 -20.64
N PRO B 85 14.05 8.31 -20.12
CA PRO B 85 14.56 9.67 -20.24
C PRO B 85 14.34 10.21 -21.65
N GLU B 86 13.82 11.44 -21.72
CA GLU B 86 13.62 12.21 -22.97
C GLU B 86 12.40 11.85 -23.86
N ASP B 87 11.62 10.84 -23.50
CA ASP B 87 10.34 10.63 -24.23
C ASP B 87 9.48 11.88 -24.08
N ASP B 88 8.79 12.27 -25.15
CA ASP B 88 7.80 13.34 -25.09
C ASP B 88 6.51 12.89 -24.43
N VAL B 89 6.06 13.63 -23.41
CA VAL B 89 4.80 13.31 -22.71
C VAL B 89 3.91 14.57 -22.75
N LEU B 90 2.75 14.48 -23.41
CA LEU B 90 1.88 15.65 -23.48
C LEU B 90 0.94 15.52 -22.32
N ILE B 91 0.82 16.56 -21.52
CA ILE B 91 -0.12 16.56 -20.37
C ILE B 91 -1.03 17.80 -20.31
N PRO B 92 -2.34 17.62 -20.62
CA PRO B 92 -3.27 18.73 -20.52
C PRO B 92 -3.78 18.96 -19.10
N ILE B 93 -3.56 20.13 -18.53
CA ILE B 93 -3.84 20.33 -17.14
C ILE B 93 -4.95 21.32 -16.93
N TYR B 94 -5.99 20.90 -16.21
CA TYR B 94 -7.09 21.82 -15.89
C TYR B 94 -7.44 21.73 -14.40
N GLY B 95 -6.52 21.14 -13.63
CA GLY B 95 -6.69 21.08 -12.19
C GLY B 95 -5.46 20.55 -11.49
N ARG B 96 -5.57 20.38 -10.17
CA ARG B 96 -4.41 20.03 -9.37
C ARG B 96 -3.77 18.70 -9.75
N PHE B 97 -4.58 17.73 -10.17
CA PHE B 97 -4.08 16.40 -10.43
C PHE B 97 -3.30 16.23 -11.75
N GLY B 98 -3.49 17.18 -12.66
CA GLY B 98 -2.66 17.29 -13.85
C GLY B 98 -1.20 17.61 -13.49
N TYR B 99 -0.99 18.38 -12.42
CA TYR B 99 0.39 18.70 -12.02
C TYR B 99 1.09 17.50 -11.36
N LEU B 100 0.35 16.67 -10.65
CA LEU B 100 0.91 15.45 -10.15
C LEU B 100 1.44 14.60 -11.33
N LEU B 101 0.70 14.55 -12.42
CA LEU B 101 1.15 13.77 -13.60
C LEU B 101 2.43 14.33 -14.18
N THR B 102 2.54 15.65 -14.16
CA THR B 102 3.75 16.28 -14.68
C THR B 102 4.91 16.02 -13.70
N GLU B 103 4.70 16.22 -12.41
CA GLU B 103 5.75 15.92 -11.41
C GLU B 103 6.29 14.52 -11.67
N ILE B 104 5.40 13.52 -11.79
CA ILE B 104 5.84 12.13 -12.00
C ILE B 104 6.61 11.95 -13.30
N ALA B 105 6.08 12.51 -14.39
CA ALA B 105 6.70 12.38 -15.68
C ALA B 105 8.07 12.98 -15.67
N GLU B 106 8.19 14.20 -15.14
CA GLU B 106 9.46 14.90 -15.15
C GLU B 106 10.47 14.12 -14.30
N ARG B 107 10.01 13.61 -13.15
CA ARG B 107 10.88 12.79 -12.29
C ARG B 107 11.45 11.58 -13.01
N TYR B 108 10.71 11.02 -13.96
CA TYR B 108 11.23 9.86 -14.68
C TYR B 108 12.00 10.27 -15.95
N GLY B 109 12.33 11.56 -16.03
CA GLY B 109 13.15 12.11 -17.12
C GLY B 109 12.47 12.40 -18.45
N ALA B 110 11.14 12.49 -18.46
CA ALA B 110 10.41 12.84 -19.70
C ALA B 110 10.57 14.33 -20.09
N ASN B 111 10.55 14.59 -21.40
CA ASN B 111 10.31 15.95 -21.86
C ASN B 111 8.80 16.16 -21.84
N VAL B 112 8.34 17.06 -20.97
CA VAL B 112 6.92 17.28 -20.66
C VAL B 112 6.35 18.47 -21.43
N HIS B 113 5.32 18.22 -22.23
CA HIS B 113 4.65 19.28 -22.98
C HIS B 113 3.34 19.53 -22.28
N MET B 114 3.16 20.70 -21.68
CA MET B 114 1.87 20.91 -21.01
C MET B 114 1.00 21.93 -21.67
N LEU B 115 -0.30 21.79 -21.43
CA LEU B 115 -1.29 22.73 -21.87
C LEU B 115 -2.02 23.04 -20.59
N GLU B 116 -2.56 24.25 -20.44
CA GLU B 116 -3.29 24.61 -19.22
C GLU B 116 -4.53 25.38 -19.55
N CYS B 117 -5.61 25.12 -18.81
CA CYS B 117 -6.77 26.00 -18.86
C CYS B 117 -7.24 26.47 -17.49
N GLU B 118 -8.19 27.39 -17.54
CA GLU B 118 -8.77 27.99 -16.35
C GLU B 118 -9.42 26.91 -15.47
N TRP B 119 -8.99 26.88 -14.21
CA TRP B 119 -9.57 25.98 -13.24
C TRP B 119 -11.08 26.22 -13.20
N GLY B 120 -11.86 25.17 -13.20
CA GLY B 120 -13.30 25.39 -13.41
C GLY B 120 -13.82 25.05 -14.79
N THR B 121 -12.94 24.97 -15.79
CA THR B 121 -13.39 24.65 -17.16
C THR B 121 -12.57 23.46 -17.63
N VAL B 122 -12.85 23.04 -18.88
CA VAL B 122 -12.15 21.91 -19.54
C VAL B 122 -11.67 22.38 -20.93
N PHE B 123 -10.79 21.62 -21.56
CA PHE B 123 -10.41 21.97 -22.89
C PHE B 123 -11.47 21.61 -23.90
N ASP B 124 -11.53 22.32 -25.02
CA ASP B 124 -11.99 21.74 -26.26
C ASP B 124 -11.06 20.57 -26.67
N PRO B 125 -11.56 19.31 -26.76
CA PRO B 125 -10.62 18.23 -27.13
C PRO B 125 -9.79 18.60 -28.37
N GLU B 126 -10.37 19.37 -29.29
CA GLU B 126 -9.68 19.81 -30.50
C GLU B 126 -8.33 20.54 -30.28
N ASP B 127 -8.26 21.35 -29.24
CA ASP B 127 -7.00 21.97 -28.90
C ASP B 127 -5.96 20.94 -28.42
N ILE B 128 -6.41 19.88 -27.75
CA ILE B 128 -5.48 18.81 -27.33
C ILE B 128 -5.02 17.97 -28.52
N ILE B 129 -5.95 17.60 -29.39
CA ILE B 129 -5.66 16.82 -30.60
C ILE B 129 -4.65 17.56 -31.52
N ARG B 130 -4.82 18.88 -31.68
CA ARG B 130 -3.94 19.63 -32.52
C ARG B 130 -2.51 19.60 -31.94
N GLU B 131 -2.42 19.64 -30.62
CA GLU B 131 -1.14 19.60 -29.96
C GLU B 131 -0.53 18.19 -30.08
N ILE B 132 -1.34 17.14 -30.04
CA ILE B 132 -0.92 15.74 -30.26
C ILE B 132 -0.27 15.60 -31.65
N LYS B 133 -0.94 16.16 -32.63
CA LYS B 133 -0.54 16.10 -34.01
C LYS B 133 0.84 16.79 -34.19
N LYS B 134 0.95 17.97 -33.56
CA LYS B 134 2.11 18.83 -33.62
C LYS B 134 3.32 18.18 -32.90
N VAL B 135 3.20 17.86 -31.62
CA VAL B 135 4.37 17.29 -30.91
C VAL B 135 4.60 15.77 -31.14
N LYS B 136 3.58 15.00 -31.52
CA LYS B 136 3.77 13.56 -31.70
C LYS B 136 4.43 12.95 -30.46
N PRO B 137 3.77 13.12 -29.30
CA PRO B 137 4.24 12.55 -28.05
C PRO B 137 4.15 11.03 -28.04
N LYS B 138 5.03 10.41 -27.27
CA LYS B 138 4.95 8.97 -27.02
C LYS B 138 3.72 8.67 -26.17
N ILE B 139 3.38 9.63 -25.30
CA ILE B 139 2.38 9.44 -24.23
C ILE B 139 1.60 10.75 -24.06
N VAL B 140 0.30 10.58 -23.86
CA VAL B 140 -0.59 11.64 -23.49
C VAL B 140 -1.16 11.17 -22.17
N ALA B 141 -0.91 11.96 -21.12
CA ALA B 141 -1.37 11.60 -19.81
C ALA B 141 -2.36 12.63 -19.35
N MET B 142 -3.49 12.15 -18.81
CA MET B 142 -4.55 13.04 -18.46
C MET B 142 -5.46 12.52 -17.34
N VAL B 143 -5.95 13.46 -16.52
CA VAL B 143 -6.94 13.20 -15.50
C VAL B 143 -8.33 13.17 -16.17
N HIS B 144 -9.03 12.06 -15.97
CA HIS B 144 -10.43 11.99 -16.35
C HIS B 144 -11.35 12.97 -15.58
N GLY B 145 -11.31 12.91 -14.26
CA GLY B 145 -12.11 13.79 -13.41
C GLY B 145 -11.27 14.41 -12.30
N GLU B 146 -11.17 15.74 -12.29
CA GLU B 146 -10.37 16.48 -11.33
C GLU B 146 -11.24 16.89 -10.19
N THR B 147 -11.01 16.30 -9.04
CA THR B 147 -11.80 16.63 -7.88
C THR B 147 -11.44 18.03 -7.42
N SER B 148 -10.24 18.52 -7.72
CA SER B 148 -9.83 19.88 -7.25
C SER B 148 -10.72 20.99 -7.80
N THR B 149 -11.11 20.88 -9.06
CA THR B 149 -11.99 21.90 -9.69
C THR B 149 -13.42 21.40 -9.88
N GLY B 150 -13.71 20.18 -9.46
CA GLY B 150 -14.99 19.58 -9.82
C GLY B 150 -15.39 19.37 -11.29
N ARG B 151 -14.44 19.30 -12.24
CA ARG B 151 -14.79 18.99 -13.65
C ARG B 151 -14.34 17.66 -14.14
N ILE B 152 -15.14 17.15 -15.06
CA ILE B 152 -14.93 15.85 -15.69
C ILE B 152 -14.59 16.11 -17.16
N HIS B 153 -13.55 15.47 -17.68
CA HIS B 153 -13.18 15.83 -19.10
C HIS B 153 -13.66 14.79 -20.14
N PRO B 154 -14.34 15.21 -21.25
CA PRO B 154 -14.59 14.25 -22.37
C PRO B 154 -13.28 13.63 -22.91
N LEU B 155 -13.25 12.30 -23.09
CA LEU B 155 -11.97 11.65 -23.48
C LEU B 155 -11.94 10.85 -24.80
N LYS B 156 -13.11 10.60 -25.38
CA LYS B 156 -13.25 9.76 -26.53
C LYS B 156 -12.45 10.31 -27.73
N ALA B 157 -12.70 11.54 -28.17
CA ALA B 157 -11.94 12.11 -29.33
C ALA B 157 -10.40 12.10 -29.09
N ILE B 158 -10.01 12.51 -27.91
CA ILE B 158 -8.62 12.52 -27.51
C ILE B 158 -8.01 11.11 -27.59
N GLY B 159 -8.73 10.10 -27.12
CA GLY B 159 -8.28 8.70 -27.25
C GLY B 159 -8.11 8.24 -28.68
N GLU B 160 -9.11 8.53 -29.51
CA GLU B 160 -9.07 8.18 -30.91
C GLU B 160 -7.93 8.92 -31.60
N ALA B 161 -7.68 10.15 -31.18
CA ALA B 161 -6.54 10.84 -31.80
C ALA B 161 -5.17 10.24 -31.37
N CYS B 162 -5.02 9.80 -30.10
CA CYS B 162 -3.76 9.14 -29.65
C CYS B 162 -3.50 7.88 -30.45
N ARG B 163 -4.57 7.11 -30.67
CA ARG B 163 -4.47 5.84 -31.37
C ARG B 163 -4.08 6.10 -32.84
N THR B 164 -4.67 7.12 -33.48
CA THR B 164 -4.27 7.41 -34.90
C THR B 164 -2.83 7.89 -35.01
N GLU B 165 -2.36 8.62 -33.99
CA GLU B 165 -1.05 9.23 -33.98
C GLU B 165 0.01 8.31 -33.33
N ASP B 166 -0.45 7.13 -32.95
CA ASP B 166 0.38 6.13 -32.27
C ASP B 166 0.98 6.60 -30.90
N ALA B 167 0.20 7.44 -30.20
CA ALA B 167 0.45 7.77 -28.80
C ALA B 167 -0.23 6.76 -27.83
N LEU B 168 0.36 6.51 -26.65
CA LEU B 168 -0.31 5.80 -25.52
C LEU B 168 -1.09 6.80 -24.66
N PHE B 169 -2.38 6.59 -24.55
CA PHE B 169 -3.21 7.50 -23.83
C PHE B 169 -3.40 6.88 -22.46
N ILE B 170 -2.79 7.53 -21.48
CA ILE B 170 -2.80 7.03 -20.12
C ILE B 170 -3.72 7.88 -19.25
N VAL B 171 -4.73 7.26 -18.57
CA VAL B 171 -5.75 8.03 -17.84
C VAL B 171 -5.83 7.77 -16.32
N ASP B 172 -5.91 8.84 -15.55
CA ASP B 172 -6.17 8.79 -14.12
C ASP B 172 -7.69 8.90 -13.99
N ALA B 173 -8.32 7.75 -13.78
CA ALA B 173 -9.74 7.61 -13.50
C ALA B 173 -9.92 7.35 -11.98
N VAL B 174 -9.06 7.89 -11.15
CA VAL B 174 -9.14 7.63 -9.71
C VAL B 174 -10.47 8.07 -9.12
N ALA B 175 -10.96 9.21 -9.54
CA ALA B 175 -12.09 9.79 -8.87
C ALA B 175 -13.40 9.45 -9.58
N THR B 176 -13.32 8.80 -10.75
CA THR B 176 -14.50 8.53 -11.57
C THR B 176 -14.84 7.06 -11.60
N ILE B 177 -13.84 6.15 -11.46
CA ILE B 177 -14.12 4.74 -11.63
C ILE B 177 -15.22 4.32 -10.63
N GLY B 178 -16.26 3.62 -11.07
CA GLY B 178 -17.31 3.09 -10.12
C GLY B 178 -18.41 4.15 -9.84
N GLY B 179 -18.21 5.38 -10.32
CA GLY B 179 -19.17 6.49 -10.07
C GLY B 179 -19.64 7.14 -11.35
N CYS B 180 -18.75 7.24 -12.34
CA CYS B 180 -19.05 7.92 -13.62
C CYS B 180 -18.62 6.91 -14.67
N GLU B 181 -19.27 6.92 -15.83
CA GLU B 181 -18.86 6.08 -16.96
C GLU B 181 -17.36 6.23 -17.19
N VAL B 182 -16.69 5.11 -17.29
CA VAL B 182 -15.32 5.06 -17.73
C VAL B 182 -15.29 3.87 -18.70
N LYS B 183 -15.03 4.13 -19.98
CA LYS B 183 -15.03 3.05 -21.00
C LYS B 183 -13.70 2.94 -21.66
N VAL B 184 -12.81 2.14 -21.08
CA VAL B 184 -11.43 1.98 -21.56
C VAL B 184 -11.36 1.64 -23.06
N ASP B 185 -12.10 0.62 -23.51
CA ASP B 185 -12.00 0.18 -24.92
C ASP B 185 -12.73 1.19 -25.84
N GLU B 186 -13.93 1.58 -25.48
CA GLU B 186 -14.68 2.56 -26.29
C GLU B 186 -13.97 3.90 -26.47
N TRP B 187 -13.25 4.38 -25.45
CA TRP B 187 -12.61 5.69 -25.59
C TRP B 187 -11.15 5.57 -25.97
N LYS B 188 -10.74 4.36 -26.36
CA LYS B 188 -9.40 4.04 -26.79
C LYS B 188 -8.32 4.54 -25.81
N ILE B 189 -8.63 4.34 -24.54
CA ILE B 189 -7.68 4.55 -23.45
C ILE B 189 -6.72 3.38 -23.44
N ASP B 190 -5.42 3.65 -23.39
CA ASP B 190 -4.43 2.57 -23.41
C ASP B 190 -4.04 2.01 -22.02
N ALA B 191 -4.09 2.83 -20.98
CA ALA B 191 -3.93 2.38 -19.60
C ALA B 191 -4.79 3.29 -18.75
N ALA B 192 -5.47 2.71 -17.77
CA ALA B 192 -6.27 3.55 -16.87
C ALA B 192 -5.90 3.15 -15.45
N ILE B 193 -5.94 4.08 -14.50
CA ILE B 193 -5.58 3.76 -13.11
C ILE B 193 -6.76 4.23 -12.33
N GLY B 194 -7.22 3.37 -11.44
CA GLY B 194 -8.28 3.78 -10.52
C GLY B 194 -7.73 3.90 -9.14
N GLY B 195 -8.65 4.16 -8.19
CA GLY B 195 -8.32 4.09 -6.76
C GLY B 195 -9.49 3.44 -6.07
N THR B 196 -9.36 3.17 -4.77
CA THR B 196 -10.30 2.35 -4.05
C THR B 196 -11.21 3.19 -3.19
N GLN B 197 -10.71 4.30 -2.65
CA GLN B 197 -11.43 4.98 -1.56
C GLN B 197 -12.39 6.07 -1.98
N LYS B 198 -12.61 6.20 -3.28
CA LYS B 198 -13.59 7.18 -3.81
C LYS B 198 -14.86 6.41 -4.17
N CYS B 199 -15.23 6.36 -5.47
CA CYS B 199 -16.50 5.79 -5.79
C CYS B 199 -16.65 4.32 -5.56
N LEU B 200 -15.54 3.58 -5.43
CA LEU B 200 -15.58 2.15 -5.09
C LEU B 200 -15.80 1.89 -3.61
N SER B 201 -15.62 2.93 -2.81
CA SER B 201 -15.80 2.75 -1.39
C SER B 201 -15.07 1.58 -0.79
N VAL B 202 -13.81 1.44 -1.16
CA VAL B 202 -12.95 0.44 -0.53
C VAL B 202 -11.83 1.19 0.20
N PRO B 203 -11.37 0.70 1.38
CA PRO B 203 -10.36 1.50 2.12
C PRO B 203 -9.21 1.98 1.29
N SER B 204 -8.76 3.22 1.56
CA SER B 204 -7.67 3.79 0.76
C SER B 204 -6.48 2.84 0.82
N GLY B 205 -5.65 2.87 -0.22
CA GLY B 205 -4.39 2.16 -0.22
C GLY B 205 -4.26 1.01 -1.19
N MET B 206 -5.01 1.07 -2.31
CA MET B 206 -4.71 0.18 -3.40
C MET B 206 -5.17 0.92 -4.59
N ALA B 207 -4.61 0.52 -5.75
CA ALA B 207 -4.75 1.24 -6.97
C ALA B 207 -4.97 0.20 -8.08
N PRO B 208 -6.25 -0.07 -8.46
CA PRO B 208 -6.49 -0.97 -9.62
C PRO B 208 -6.11 -0.35 -10.96
N ILE B 209 -5.44 -1.13 -11.77
CA ILE B 209 -5.01 -0.63 -13.08
C ILE B 209 -5.37 -1.54 -14.21
N THR B 210 -5.42 -0.99 -15.42
CA THR B 210 -5.63 -1.82 -16.57
C THR B 210 -4.88 -1.22 -17.77
N TYR B 211 -4.39 -2.07 -18.66
CA TYR B 211 -3.75 -1.56 -19.86
C TYR B 211 -3.78 -2.63 -20.90
N ASN B 212 -3.65 -2.21 -22.17
CA ASN B 212 -3.79 -3.06 -23.33
C ASN B 212 -2.45 -3.59 -23.85
N GLU B 213 -2.46 -4.36 -24.94
CA GLU B 213 -1.22 -4.88 -25.58
C GLU B 213 -0.25 -3.79 -26.02
N ARG B 214 -0.79 -2.66 -26.48
CA ARG B 214 0.12 -1.56 -26.85
C ARG B 214 0.96 -1.10 -25.65
N VAL B 215 0.32 -0.91 -24.48
CA VAL B 215 1.08 -0.60 -23.30
C VAL B 215 2.02 -1.78 -22.91
N ALA B 216 1.50 -3.02 -22.94
CA ALA B 216 2.30 -4.18 -22.49
C ALA B 216 3.53 -4.39 -23.32
N ASP B 217 3.40 -4.07 -24.59
CA ASP B 217 4.51 -4.24 -25.53
C ASP B 217 5.69 -3.38 -25.14
N VAL B 218 5.38 -2.12 -24.80
CA VAL B 218 6.38 -1.14 -24.37
C VAL B 218 7.01 -1.52 -23.04
N ILE B 219 6.20 -2.03 -22.12
CA ILE B 219 6.69 -2.55 -20.86
C ILE B 219 7.67 -3.73 -21.06
N ALA B 220 7.29 -4.69 -21.93
CA ALA B 220 8.15 -5.87 -22.22
C ALA B 220 9.51 -5.51 -22.76
N ALA B 221 9.60 -4.37 -23.45
CA ALA B 221 10.89 -3.94 -24.00
C ALA B 221 11.90 -3.57 -22.89
N ARG B 222 11.45 -3.58 -21.62
CA ARG B 222 12.24 -3.05 -20.48
C ARG B 222 12.44 -3.99 -19.28
N ASN B 241 16.99 -4.58 -22.03
CA ASN B 241 16.90 -3.12 -22.12
C ASN B 241 16.61 -2.43 -20.78
N ARG B 242 16.93 -1.12 -20.72
CA ARG B 242 16.93 -0.27 -19.50
C ARG B 242 15.82 -0.54 -18.50
N PRO B 243 16.21 -0.81 -17.23
CA PRO B 243 15.32 -0.94 -16.06
C PRO B 243 14.24 0.15 -15.91
N ILE B 244 13.03 -0.26 -15.51
CA ILE B 244 12.06 0.66 -14.89
C ILE B 244 12.74 1.10 -13.58
N THR B 245 12.83 2.42 -13.33
CA THR B 245 13.57 2.96 -12.15
C THR B 245 13.05 2.46 -10.76
N SER B 246 11.74 2.32 -10.61
CA SER B 246 11.19 1.74 -9.40
C SER B 246 10.96 0.20 -9.49
N ASN B 247 11.74 -0.58 -8.73
CA ASN B 247 11.53 -2.05 -8.60
C ASN B 247 10.10 -2.39 -8.14
N TYR B 248 9.61 -1.65 -7.14
CA TYR B 248 8.30 -1.94 -6.54
C TYR B 248 7.16 -1.57 -7.51
N PHE B 249 7.44 -0.61 -8.40
CA PHE B 249 6.51 -0.11 -9.43
C PHE B 249 6.81 -0.66 -10.85
N ASP B 250 7.57 -1.76 -10.89
CA ASP B 250 7.93 -2.41 -12.16
C ASP B 250 6.77 -3.35 -12.61
N LEU B 251 6.04 -2.92 -13.67
CA LEU B 251 4.88 -3.70 -14.18
C LEU B 251 5.28 -5.02 -14.93
N SER B 252 6.52 -5.09 -15.45
CA SER B 252 7.07 -6.31 -16.11
C SER B 252 7.31 -7.47 -15.14
N GLN B 253 7.41 -7.13 -13.84
CA GLN B 253 7.55 -8.05 -12.72
C GLN B 253 6.21 -8.16 -12.00
N LEU B 254 5.44 -7.05 -12.01
CA LEU B 254 4.04 -7.09 -11.54
C LEU B 254 3.09 -7.94 -12.42
N GLU B 255 3.36 -7.98 -13.74
CA GLU B 255 2.56 -8.85 -14.60
C GLU B 255 2.89 -10.33 -14.37
N ASP B 256 4.16 -10.65 -14.08
CA ASP B 256 4.58 -12.01 -13.67
C ASP B 256 3.91 -12.43 -12.31
N TYR B 257 3.82 -11.49 -11.36
CA TYR B 257 2.96 -11.65 -10.14
C TYR B 257 1.49 -12.07 -10.45
N TRP B 258 0.86 -11.30 -11.35
CA TRP B 258 -0.57 -11.39 -11.67
C TRP B 258 -0.81 -12.20 -12.97
N SER B 259 -0.31 -13.44 -12.93
CA SER B 259 -0.35 -14.45 -14.02
C SER B 259 0.26 -15.77 -13.47
N GLU B 260 0.30 -16.83 -14.27
CA GLU B 260 0.61 -18.22 -13.79
C GLU B 260 1.98 -18.43 -13.17
N ARG B 261 3.00 -17.73 -13.65
CA ARG B 261 4.34 -17.75 -13.02
C ARG B 261 4.34 -17.54 -11.48
N ARG B 262 3.40 -16.73 -10.97
CA ARG B 262 3.38 -16.26 -9.57
C ARG B 262 4.79 -15.82 -9.08
N LEU B 263 5.40 -14.90 -9.86
CA LEU B 263 6.76 -14.43 -9.57
C LEU B 263 6.76 -13.66 -8.25
N ASN B 264 7.58 -14.13 -7.29
CA ASN B 264 7.61 -13.55 -5.95
C ASN B 264 8.17 -12.10 -5.91
N HIS B 265 7.35 -11.14 -6.37
CA HIS B 265 7.75 -9.73 -6.47
C HIS B 265 7.56 -8.90 -5.15
N HIS B 266 6.54 -9.24 -4.36
CA HIS B 266 6.16 -8.54 -3.13
C HIS B 266 5.04 -9.37 -2.43
N THR B 267 4.83 -9.17 -1.13
CA THR B 267 3.75 -9.89 -0.44
C THR B 267 2.49 -9.06 -0.67
N GLU B 268 1.69 -9.45 -1.68
CA GLU B 268 0.41 -8.77 -1.94
C GLU B 268 -0.33 -8.50 -0.59
N ALA B 269 -1.15 -7.47 -0.55
CA ALA B 269 -1.79 -7.07 0.66
C ALA B 269 -3.10 -7.87 0.83
N THR B 270 -3.02 -8.91 1.65
CA THR B 270 -4.08 -9.91 1.93
C THR B 270 -5.45 -9.30 2.22
N THR B 271 -5.59 -8.60 3.34
CA THR B 271 -6.88 -7.97 3.71
C THR B 271 -7.36 -6.99 2.68
N MET B 272 -6.43 -6.19 2.13
CA MET B 272 -6.84 -5.17 1.14
C MET B 272 -7.37 -5.83 -0.15
N LEU B 273 -6.81 -6.96 -0.52
CA LEU B 273 -7.33 -7.71 -1.68
C LEU B 273 -8.73 -8.25 -1.35
N TYR B 274 -8.92 -8.77 -0.12
CA TYR B 274 -10.27 -9.24 0.28
C TYR B 274 -11.27 -8.07 0.12
N ALA B 275 -10.89 -6.87 0.60
CA ALA B 275 -11.79 -5.71 0.58
C ALA B 275 -12.09 -5.22 -0.87
N LEU B 276 -11.07 -5.20 -1.72
CA LEU B 276 -11.26 -4.80 -3.14
C LEU B 276 -12.21 -5.76 -3.88
N ARG B 277 -11.92 -7.03 -3.73
CA ARG B 277 -12.74 -8.12 -4.25
C ARG B 277 -14.21 -7.90 -3.89
N GLU B 278 -14.48 -7.61 -2.60
CA GLU B 278 -15.83 -7.47 -2.16
C GLU B 278 -16.37 -6.19 -2.71
N GLY B 279 -15.55 -5.12 -2.66
CA GLY B 279 -16.02 -3.78 -3.05
C GLY B 279 -16.36 -3.72 -4.53
N VAL B 280 -15.52 -4.35 -5.34
CA VAL B 280 -15.96 -4.55 -6.71
C VAL B 280 -17.13 -5.52 -6.99
N ARG B 281 -17.21 -6.65 -6.29
CA ARG B 281 -18.41 -7.46 -6.41
C ARG B 281 -19.66 -6.54 -6.20
N LEU B 282 -19.64 -5.64 -5.20
CA LEU B 282 -20.84 -4.87 -4.89
C LEU B 282 -21.19 -3.88 -6.00
N VAL B 283 -20.16 -3.29 -6.59
CA VAL B 283 -20.44 -2.49 -7.74
C VAL B 283 -21.17 -3.20 -8.90
N LEU B 284 -20.74 -4.40 -9.21
CA LEU B 284 -21.24 -5.16 -10.31
C LEU B 284 -22.59 -5.74 -9.99
N GLU B 285 -22.84 -6.02 -8.72
CA GLU B 285 -24.17 -6.41 -8.29
C GLU B 285 -25.16 -5.27 -8.53
N GLU B 286 -24.71 -4.04 -8.23
CA GLU B 286 -25.58 -2.91 -8.42
C GLU B 286 -25.83 -2.76 -9.91
N GLY B 287 -24.80 -3.01 -10.71
CA GLY B 287 -24.90 -2.81 -12.13
C GLY B 287 -24.28 -1.44 -12.41
N LEU B 288 -23.35 -1.37 -13.35
CA LEU B 288 -22.73 -0.09 -13.76
C LEU B 288 -23.64 1.13 -14.11
N GLU B 289 -24.46 0.99 -15.15
CA GLU B 289 -25.45 2.02 -15.53
C GLU B 289 -26.38 2.42 -14.39
N THR B 290 -26.85 1.43 -13.61
CA THR B 290 -27.72 1.70 -12.46
C THR B 290 -26.90 2.50 -11.48
N ARG B 291 -25.69 2.08 -11.22
CA ARG B 291 -24.89 2.84 -10.26
C ARG B 291 -24.58 4.27 -10.71
N PHE B 292 -24.29 4.44 -12.00
CA PHE B 292 -24.06 5.82 -12.54
C PHE B 292 -25.26 6.68 -12.37
N GLU B 293 -26.42 6.12 -12.71
CA GLU B 293 -27.66 6.85 -12.65
C GLU B 293 -27.99 7.14 -11.19
N ARG B 294 -27.72 6.19 -10.30
CA ARG B 294 -27.87 6.44 -8.87
C ARG B 294 -26.99 7.59 -8.34
N HIS B 295 -25.73 7.69 -8.78
CA HIS B 295 -24.88 8.86 -8.43
C HIS B 295 -25.52 10.20 -8.95
N ARG B 296 -26.03 10.18 -10.14
CA ARG B 296 -26.62 11.41 -10.67
C ARG B 296 -27.87 11.79 -9.86
N HIS B 297 -28.63 10.80 -9.39
CA HIS B 297 -29.87 11.06 -8.66
C HIS B 297 -29.61 11.87 -7.34
N HIS B 298 -28.64 11.41 -6.54
CA HIS B 298 -28.21 12.06 -5.33
C HIS B 298 -27.49 13.39 -5.61
N GLU B 299 -26.71 13.47 -6.70
CA GLU B 299 -26.18 14.75 -7.12
C GLU B 299 -27.32 15.78 -7.37
N ALA B 300 -28.40 15.32 -8.01
CA ALA B 300 -29.57 16.17 -8.25
C ALA B 300 -30.26 16.58 -6.95
N ALA B 301 -30.40 15.65 -5.99
CA ALA B 301 -31.05 16.05 -4.75
C ALA B 301 -30.17 17.05 -3.98
N LEU B 302 -28.86 16.84 -3.94
CA LEU B 302 -27.92 17.77 -3.31
C LEU B 302 -27.99 19.13 -3.92
N ALA B 303 -27.89 19.19 -5.27
CA ALA B 303 -27.98 20.46 -6.02
C ALA B 303 -29.20 21.30 -5.71
N ALA B 304 -30.35 20.62 -5.63
CA ALA B 304 -31.62 21.32 -5.38
C ALA B 304 -31.63 21.89 -3.92
N GLY B 305 -31.08 21.12 -2.95
CA GLY B 305 -30.97 21.60 -1.59
C GLY B 305 -30.04 22.83 -1.49
N ILE B 306 -28.81 22.68 -2.00
CA ILE B 306 -27.84 23.81 -2.09
C ILE B 306 -28.49 25.02 -2.77
N LYS B 307 -29.13 24.77 -3.91
CA LYS B 307 -29.83 25.90 -4.58
C LYS B 307 -30.88 26.55 -3.69
N ALA B 308 -31.75 25.75 -3.05
CA ALA B 308 -32.84 26.34 -2.28
C ALA B 308 -32.30 27.07 -1.06
N MET B 309 -31.12 26.65 -0.64
CA MET B 309 -30.46 27.28 0.48
C MET B 309 -29.89 28.66 0.10
N GLY B 310 -29.96 29.02 -1.18
CA GLY B 310 -29.43 30.35 -1.63
C GLY B 310 -27.95 30.40 -1.97
N LEU B 311 -27.30 29.22 -2.03
CA LEU B 311 -25.90 29.09 -2.41
C LEU B 311 -25.74 28.89 -3.92
N ARG B 312 -24.56 29.22 -4.41
CA ARG B 312 -24.18 29.20 -5.84
C ARG B 312 -23.13 28.08 -6.06
N LEU B 313 -23.08 27.49 -7.24
CA LEU B 313 -22.08 26.44 -7.44
C LEU B 313 -20.93 27.05 -8.23
N PHE B 314 -19.70 26.62 -7.96
CA PHE B 314 -18.58 27.13 -8.70
C PHE B 314 -18.43 26.33 -10.00
N GLY B 315 -17.94 27.01 -11.03
CA GLY B 315 -17.45 26.36 -12.24
C GLY B 315 -18.48 26.24 -13.34
N ASP B 316 -18.00 25.73 -14.48
CA ASP B 316 -18.71 25.52 -15.73
C ASP B 316 -19.68 24.39 -15.48
N ASP B 317 -20.97 24.69 -15.54
CA ASP B 317 -21.92 23.63 -15.26
C ASP B 317 -22.00 22.49 -16.31
N SER B 318 -21.54 22.74 -17.54
CA SER B 318 -21.58 21.71 -18.61
C SER B 318 -20.51 20.60 -18.50
N CYS B 319 -19.50 20.78 -17.66
CA CYS B 319 -18.53 19.69 -17.45
C CYS B 319 -18.40 19.36 -15.96
N LYS B 320 -19.47 19.55 -15.22
CA LYS B 320 -19.49 19.27 -13.81
C LYS B 320 -19.33 17.80 -13.57
N MET B 321 -18.31 17.41 -12.81
CA MET B 321 -18.14 16.05 -12.37
C MET B 321 -19.41 15.63 -11.57
N PRO B 322 -20.07 14.53 -11.94
CA PRO B 322 -21.33 14.20 -11.25
C PRO B 322 -21.17 13.98 -9.73
N VAL B 323 -19.97 13.57 -9.33
CA VAL B 323 -19.68 12.98 -8.00
C VAL B 323 -19.04 13.95 -7.00
N VAL B 324 -18.80 15.17 -7.46
CA VAL B 324 -18.27 16.24 -6.61
C VAL B 324 -19.12 17.50 -6.86
N THR B 325 -19.52 18.21 -5.81
CA THR B 325 -20.24 19.46 -5.96
C THR B 325 -19.48 20.61 -5.29
N CYS B 326 -19.22 21.68 -6.03
CA CYS B 326 -18.39 22.78 -5.57
C CYS B 326 -19.25 23.94 -5.18
N VAL B 327 -19.41 24.13 -3.87
CA VAL B 327 -20.26 25.15 -3.37
C VAL B 327 -19.42 26.42 -3.04
N GLU B 328 -19.84 27.55 -3.60
CA GLU B 328 -19.20 28.84 -3.33
C GLU B 328 -19.38 29.29 -1.90
N ILE B 329 -18.29 29.61 -1.23
CA ILE B 329 -18.32 30.26 0.09
C ILE B 329 -18.74 31.72 -0.10
N PRO B 330 -19.83 32.16 0.57
CA PRO B 330 -20.39 33.54 0.44
C PRO B 330 -19.49 34.62 1.04
N GLY B 331 -19.55 35.84 0.49
CA GLY B 331 -18.89 36.99 1.14
C GLY B 331 -18.95 37.01 2.66
N GLY B 332 -17.80 37.25 3.30
CA GLY B 332 -17.73 37.41 4.76
C GLY B 332 -17.96 36.20 5.71
N ILE B 333 -18.10 34.98 5.19
CA ILE B 333 -18.14 33.78 6.05
C ILE B 333 -16.79 33.06 5.99
N ASP B 334 -16.25 32.66 7.13
CA ASP B 334 -15.02 31.83 7.14
C ASP B 334 -15.33 30.34 6.85
N GLY B 335 -14.79 29.84 5.76
CA GLY B 335 -15.17 28.53 5.25
C GLY B 335 -14.54 27.39 6.04
N GLU B 336 -13.37 27.67 6.60
CA GLU B 336 -12.67 26.76 7.48
C GLU B 336 -13.40 26.62 8.79
N SER B 337 -14.00 27.73 9.24
CA SER B 337 -14.68 27.72 10.50
C SER B 337 -16.00 26.90 10.34
N VAL B 338 -16.61 27.05 9.17
CA VAL B 338 -17.80 26.28 8.82
C VAL B 338 -17.48 24.82 8.71
N ARG B 339 -16.40 24.49 8.03
CA ARG B 339 -16.02 23.08 7.91
C ARG B 339 -15.68 22.45 9.28
N ASP B 340 -15.09 23.23 10.17
CA ASP B 340 -14.61 22.69 11.45
C ASP B 340 -15.77 22.48 12.40
N MET B 341 -16.72 23.42 12.43
CA MET B 341 -17.95 23.26 13.20
C MET B 341 -18.81 22.07 12.69
N LEU B 342 -18.87 21.90 11.38
CA LEU B 342 -19.64 20.83 10.81
C LEU B 342 -19.06 19.51 11.34
N LEU B 343 -17.74 19.38 11.30
CA LEU B 343 -17.11 18.16 11.78
C LEU B 343 -17.23 18.04 13.29
N ALA B 344 -17.01 19.12 14.03
CA ALA B 344 -16.91 19.03 15.50
C ALA B 344 -18.29 18.82 16.13
N GLN B 345 -19.31 19.51 15.61
CA GLN B 345 -20.68 19.37 16.12
C GLN B 345 -21.47 18.20 15.49
N PHE B 346 -21.44 18.08 14.16
CA PHE B 346 -22.28 17.05 13.45
C PHE B 346 -21.55 15.78 13.03
N GLY B 347 -20.20 15.78 13.06
CA GLY B 347 -19.47 14.59 12.67
C GLY B 347 -19.51 14.54 11.15
N ILE B 348 -19.98 15.64 10.55
CA ILE B 348 -20.10 15.75 9.08
C ILE B 348 -18.79 16.25 8.48
N GLU B 349 -18.20 15.49 7.57
CA GLU B 349 -16.97 15.92 6.90
C GLU B 349 -17.20 16.41 5.46
N ILE B 350 -16.88 17.67 5.14
CA ILE B 350 -16.76 18.07 3.72
C ILE B 350 -15.34 18.62 3.54
N ALA B 351 -15.01 18.95 2.29
CA ALA B 351 -13.68 19.42 1.90
C ALA B 351 -13.54 20.92 1.63
N SER B 352 -12.41 21.47 2.05
CA SER B 352 -12.06 22.82 1.66
C SER B 352 -11.30 22.68 0.35
N SER B 353 -10.56 23.74 0.03
CA SER B 353 -9.61 23.69 -1.08
C SER B 353 -8.35 24.33 -0.56
N PHE B 354 -7.22 23.78 -0.98
CA PHE B 354 -5.93 24.38 -0.68
C PHE B 354 -5.14 24.52 -2.00
N GLY B 355 -4.54 25.70 -2.22
CA GLY B 355 -4.11 26.08 -3.58
C GLY B 355 -5.00 27.17 -4.19
N PRO B 356 -5.03 27.27 -5.53
CA PRO B 356 -5.74 28.38 -6.21
C PRO B 356 -7.19 28.67 -5.76
N LEU B 357 -7.98 27.64 -5.40
CA LEU B 357 -9.38 27.84 -5.00
C LEU B 357 -9.62 27.88 -3.48
N ALA B 358 -8.53 27.87 -2.70
CA ALA B 358 -8.52 28.02 -1.25
C ALA B 358 -9.42 29.15 -0.81
N GLY B 359 -10.30 28.89 0.15
CA GLY B 359 -11.23 29.90 0.56
C GLY B 359 -12.28 30.38 -0.46
N LYS B 360 -12.38 29.74 -1.61
CA LYS B 360 -13.44 30.13 -2.58
C LYS B 360 -14.64 29.13 -2.54
N ILE B 361 -14.35 27.86 -2.28
CA ILE B 361 -15.37 26.80 -2.38
C ILE B 361 -15.23 25.78 -1.30
N TRP B 362 -16.33 25.13 -0.96
CA TRP B 362 -16.24 23.85 -0.29
C TRP B 362 -16.49 22.80 -1.37
N ARG B 363 -16.00 21.58 -1.17
CA ARG B 363 -16.30 20.50 -2.13
C ARG B 363 -17.05 19.42 -1.42
N ILE B 364 -18.28 19.19 -1.83
CA ILE B 364 -19.08 18.13 -1.21
C ILE B 364 -19.07 16.93 -2.16
N GLY B 365 -18.54 15.78 -1.72
CA GLY B 365 -18.47 14.58 -2.56
C GLY B 365 -19.75 13.80 -2.37
N THR B 366 -20.23 13.15 -3.43
CA THR B 366 -21.32 12.17 -3.30
C THR B 366 -20.80 10.89 -3.99
N MET B 367 -19.92 10.12 -3.31
CA MET B 367 -19.28 8.96 -3.91
C MET B 367 -19.61 7.67 -3.22
N GLY B 368 -19.87 6.61 -3.99
CA GLY B 368 -19.87 5.30 -3.43
C GLY B 368 -20.93 5.15 -2.34
N TYR B 369 -20.54 4.54 -1.23
CA TYR B 369 -21.50 4.31 -0.12
C TYR B 369 -21.97 5.63 0.54
N SER B 370 -21.16 6.68 0.43
CA SER B 370 -21.50 7.98 1.01
C SER B 370 -22.56 8.63 0.15
N CYS B 371 -22.76 8.13 -1.06
CA CYS B 371 -23.73 8.77 -2.00
C CYS B 371 -25.10 8.12 -1.75
N ARG B 372 -25.82 8.56 -0.73
CA ARG B 372 -27.09 7.97 -0.41
C ARG B 372 -27.91 9.04 0.16
N LYS B 373 -29.21 8.79 0.18
CA LYS B 373 -30.22 9.75 0.56
C LYS B 373 -30.00 10.25 2.00
N GLU B 374 -29.69 9.34 2.96
CA GLU B 374 -29.54 9.79 4.35
C GLU B 374 -28.37 10.77 4.49
N ASN B 375 -27.30 10.56 3.69
CA ASN B 375 -26.07 11.41 3.80
C ASN B 375 -26.32 12.80 3.18
N VAL B 376 -27.02 12.83 2.06
CA VAL B 376 -27.31 14.06 1.33
C VAL B 376 -28.21 14.96 2.19
N LEU B 377 -29.20 14.33 2.79
CA LEU B 377 -30.08 15.04 3.70
C LEU B 377 -29.32 15.55 4.93
N PHE B 378 -28.51 14.70 5.59
CA PHE B 378 -27.72 15.11 6.79
C PHE B 378 -26.72 16.22 6.43
N VAL B 379 -26.09 16.12 5.25
CA VAL B 379 -25.12 17.18 4.90
C VAL B 379 -25.78 18.55 4.65
N LEU B 380 -26.99 18.55 4.10
CA LEU B 380 -27.71 19.83 3.89
C LEU B 380 -28.22 20.40 5.22
N ALA B 381 -28.72 19.53 6.08
CA ALA B 381 -29.23 20.02 7.35
C ALA B 381 -28.08 20.59 8.14
N GLY B 382 -26.98 19.84 8.18
CA GLY B 382 -25.76 20.26 8.84
C GLY B 382 -25.21 21.59 8.37
N LEU B 383 -24.93 21.68 7.08
CA LEU B 383 -24.50 22.91 6.43
C LEU B 383 -25.49 24.06 6.66
N GLU B 384 -26.79 23.81 6.52
CA GLU B 384 -27.71 24.92 6.81
C GLU B 384 -27.53 25.48 8.25
N ALA B 385 -27.56 24.57 9.23
CA ALA B 385 -27.47 24.95 10.64
C ALA B 385 -26.16 25.73 10.93
N VAL B 386 -25.04 25.27 10.35
CA VAL B 386 -23.73 25.88 10.57
C VAL B 386 -23.59 27.25 9.91
N LEU B 387 -24.19 27.39 8.74
CA LEU B 387 -24.22 28.65 8.05
C LEU B 387 -25.12 29.69 8.72
N LEU B 388 -26.25 29.29 9.30
CA LEU B 388 -27.15 30.18 10.06
C LEU B 388 -26.46 30.67 11.35
N ARG B 389 -25.68 29.77 11.95
CA ARG B 389 -24.81 30.08 13.08
C ARG B 389 -23.68 31.10 12.70
N HIS B 390 -23.27 31.14 11.44
CA HIS B 390 -22.26 32.10 10.97
C HIS B 390 -22.92 33.31 10.29
N ASN B 391 -24.23 33.46 10.50
CA ASN B 391 -25.06 34.52 9.94
C ASN B 391 -25.05 34.60 8.44
N ALA B 392 -24.93 33.46 7.76
CA ALA B 392 -25.18 33.45 6.32
C ALA B 392 -26.64 33.86 6.07
N GLY B 393 -26.85 34.56 4.96
CA GLY B 393 -28.19 35.00 4.56
C GLY B 393 -28.80 33.79 3.89
N ILE B 394 -29.40 32.91 4.69
CA ILE B 394 -30.25 31.84 4.19
C ILE B 394 -31.72 31.89 4.72
N GLU B 395 -32.65 31.38 3.93
CA GLU B 395 -33.97 31.12 4.46
C GLU B 395 -34.00 29.68 4.99
N ALA B 396 -34.20 29.55 6.29
CA ALA B 396 -34.22 28.26 6.95
C ALA B 396 -35.37 27.36 6.48
N GLY B 397 -35.07 26.08 6.21
CA GLY B 397 -36.11 25.08 5.97
C GLY B 397 -36.33 24.81 4.48
N LYS B 398 -35.89 25.73 3.63
CA LYS B 398 -36.06 25.56 2.17
C LYS B 398 -35.23 24.39 1.60
N ALA B 399 -33.93 24.36 1.94
CA ALA B 399 -32.97 23.32 1.47
C ALA B 399 -33.46 21.85 1.55
N LEU B 400 -33.92 21.45 2.72
CA LEU B 400 -34.36 20.06 2.91
C LEU B 400 -35.65 19.74 2.13
N GLN B 401 -36.55 20.73 2.04
CA GLN B 401 -37.79 20.53 1.28
C GLN B 401 -37.49 20.28 -0.18
N ALA B 402 -36.48 20.98 -0.71
CA ALA B 402 -36.17 20.90 -2.11
C ALA B 402 -35.49 19.53 -2.40
N ALA B 403 -34.64 19.06 -1.47
CA ALA B 403 -34.04 17.69 -1.60
C ALA B 403 -35.08 16.59 -1.42
N LEU B 404 -35.97 16.76 -0.45
CA LEU B 404 -37.06 15.79 -0.30
C LEU B 404 -38.02 15.74 -1.50
N ASP B 405 -38.29 16.91 -2.10
CA ASP B 405 -39.02 16.94 -3.39
C ASP B 405 -38.34 16.08 -4.44
N VAL B 406 -37.03 16.19 -4.64
CA VAL B 406 -36.44 15.25 -5.59
C VAL B 406 -36.47 13.78 -5.13
N TYR B 407 -36.41 13.52 -3.82
CA TYR B 407 -36.47 12.11 -3.34
C TYR B 407 -37.86 11.43 -3.47
N GLU B 408 -38.90 12.25 -3.41
CA GLU B 408 -40.25 11.76 -3.62
C GLU B 408 -40.59 11.61 -5.10
N ASN B 409 -40.59 12.73 -5.84
CA ASN B 409 -41.00 12.82 -7.27
C ASN B 409 -40.86 11.56 -8.13
N1 PLP C . 12.82 -8.03 3.30
C2 PLP C . 12.93 -9.27 4.10
C2A PLP C . 14.03 -9.59 4.92
C3 PLP C . 11.93 -10.25 4.09
O3 PLP C . 12.03 -11.39 4.84
C4 PLP C . 10.77 -10.10 3.37
C4A PLP C . 9.67 -11.23 3.43
C5 PLP C . 10.61 -8.95 2.61
C6 PLP C . 11.60 -7.92 2.55
C5A PLP C . 9.36 -8.87 1.80
O4P PLP C . 8.70 -7.73 2.07
P PLP C . 7.32 -7.65 1.28
O1P PLP C . 6.97 -8.96 0.60
O2P PLP C . 7.63 -6.33 0.30
O3P PLP C . 6.13 -7.15 2.35
N1 PLP D . -6.27 11.76 -9.17
C2 PLP D . -7.50 12.31 -8.74
C2A PLP D . -8.39 12.95 -9.63
C3 PLP D . -7.80 12.27 -7.38
O3 PLP D . -8.98 12.82 -6.89
C4 PLP D . -6.95 11.66 -6.46
C4A PLP D . -7.55 11.72 -4.99
C5 PLP D . -5.72 11.09 -6.91
C6 PLP D . -5.39 11.14 -8.27
C5A PLP D . -4.66 10.36 -6.07
O4P PLP D . -5.20 9.94 -4.85
P PLP D . -4.34 9.12 -3.63
O1P PLP D . -2.90 8.80 -4.00
O2P PLP D . -5.14 7.75 -3.29
O3P PLP D . -4.53 10.05 -2.31
#